data_8WPY
#
_entry.id   8WPY
#
_cell.length_a   1.00
_cell.length_b   1.00
_cell.length_c   1.00
_cell.angle_alpha   90.00
_cell.angle_beta   90.00
_cell.angle_gamma   90.00
#
_symmetry.space_group_name_H-M   'P 1'
#
loop_
_entity.id
_entity.type
_entity.pdbx_description
1 polymer 'S309 fab heavy chain'
2 polymer 'S309 fab light chain'
3 polymer 'CB6 fab mutant heavy chain'
4 polymer 'CB6 fab mutant light chain'
5 polymer 'S304 fab heavy chain'
6 polymer 'S304 fab light chain'
7 polymer 'Spike protein S1'
8 branched beta-D-mannopyranose-(1-4)-2-acetamido-2-deoxy-beta-D-glucopyranose-(1-4)-[alpha-L-fucopyranose-(1-6)]2-acetamido-2-deoxy-beta-D-glucopyranose
#
loop_
_entity_poly.entity_id
_entity_poly.type
_entity_poly.pdbx_seq_one_letter_code
_entity_poly.pdbx_strand_id
1 'polypeptide(L)'
;QVQLVQSGAEVKKPGASVKVSCKASGYPFTSYGISWVRQAPGQGLEWMGWISTYNGNTNYAQKFQGRVTMTTDTSTTTGY
MELRRLRSDDTAVYYCARDYTRGAWFGESLIGGFDNWGQGTLVTVSSASTKGPSVFPLAPSSKSTSGGTAALGCLVKDYF
PEPVTVSWNSGALTSGVHTFPAVLQSSGLYSLSSVVTVPSSSLGTQTYICNVNHKPSNTKVDKKVEPKSCDKTHHHHHH
;
A
2 'polypeptide(L)'
;EIVLTQSPGTLSLSPGERATLSCRASQTVSSTSLAWYQQKPGQAPRLLIYGASSRATGIPDRFSGSGSGTDFTLTISRLE
PEDFAVYYCQQHDTSLTFGGGTKVEIKRTVAAPSVFIFPPSDEQLKSGTASVVCLLNNFYPREAKVQWKVDNALQSGNSQ
ESVTEQDSKDSTYSLSSTLTLSKADYEKHKVYACEVTHQGLSSPVTKSFNRGECS
;
B
3 'polypeptide(L)'
;EVQLVESGGGLVQPGGSLRLSCAASEFIVSYNYMSWVRQAPGKGLEWVSVIYPGGSTFYADSVKGRFTISRDNSMNTLFL
QMNSLRAEDTAVYYCARVLPINGYYLDYWGQGTLVTVSSASTKGPSVFPLAPSSKSTSGGTAALGCLVKDYFPEPVTVSW
NSGALTSGVHTFPAVLQSSGLYSLSSVVTVPSSSLGTQTYICNVNHKPSNTKVDKRVEPKSCDKTHHHHHH
;
C
4 'polypeptide(L)'
;DIVMTQSPSSLSASVGDRVTITCRASQSIAYYLNWYQQKPGKAPKLLIYAASSLQSGVPSRFSGSGSGTDFTLTISSLQP
EDFATYYCQQSSDPPEYTFGQGTKLEIKRTVAAPSVFIFPPSDEQLKSGTASVVCLLNNFYPREAKVQWKVDNALQSGNS
QESVTEQDSKDSTYSLSSTLTLSKADYEKHKVYACEVTHQGLSSPVTKSFNRGECS
;
D
5 'polypeptide(L)'
;QVQLVESGGGLVQPGGSLRLSCAASGFTFSSYDMHWVRQTTGKGLEWVSTIGTAGDTYYPDSVKGRFTISREDAKNSLYL
QMNSLRAGDTAVYYCARGDSSGYYYYFDYWGQGTLLTVSSASTKGPSVFPLAPSSKSTSGGTAALGCLVKDYFPEPVTVS
WNSGALTSGVHTFPAVLQSSGLYSLSSVVTVPSSSLGTQTYICNVNHKPSNTKVDKRVEPKSCDKTHHHHHH
;
H
6 'polypeptide(L)'
;DIQMTQSPSSLSAAVGDRVTITCRASQSIGSYLNWYQQKPGKAPKLLIYAASSLQSGVPSRFSGSGSGTDFTLTISSLQP
EDFAIYYCQQSYVSPTYTFGPGTKVDIKRTVAAPSVFIFPPSDEQLKSGTASVVCLLNNFYPREAKVQWKVDNALQSGNS
QESVTEQDSKDSTYSLSSTLTLSKADYEKHKVYACEVTHQGLSSPVTKSFNRGECS
;
L
7 'polypeptide(L)'
;RVQPTESIVRFPNITNLCPFGEVFNATRFASVYAWNRKRISNCVADYSVLYNSASFSTFKCYGVSPTKLNDLCFTNVYAD
SFVIRGDEVRQIAPGQTGKIADYNYKLPDDFTGCVIAWNSNNLDSKVGGNYNYLYRLFRKSNLKPFERDISTEIYQAGST
PCNGVEGFNCYFPLQSYGFQPTNGVGYQPYRVVVLSFELLHAPATVCGPKKSTNLVKNKCVNFHHHHHH
;
R
#
loop_
_chem_comp.id
_chem_comp.type
_chem_comp.name
_chem_comp.formula
BMA D-saccharide, beta linking beta-D-mannopyranose 'C6 H12 O6'
FUC L-saccharide, alpha linking alpha-L-fucopyranose 'C6 H12 O5'
NAG D-saccharide, beta linking 2-acetamido-2-deoxy-beta-D-glucopyranose 'C8 H15 N O6'
#
# COMPACT_ATOMS: atom_id res chain seq x y z
N GLN A 1 -20.83 -3.79 -13.54
CA GLN A 1 -21.29 -3.51 -14.89
C GLN A 1 -20.14 -3.55 -15.89
N VAL A 2 -18.96 -3.91 -15.41
CA VAL A 2 -17.79 -4.06 -16.27
C VAL A 2 -17.86 -5.43 -16.92
N GLN A 3 -18.03 -5.46 -18.24
CA GLN A 3 -18.26 -6.70 -18.96
C GLN A 3 -17.35 -6.78 -20.18
N LEU A 4 -16.78 -7.96 -20.39
CA LEU A 4 -15.95 -8.24 -21.56
C LEU A 4 -16.53 -9.45 -22.27
N VAL A 5 -16.77 -9.33 -23.58
CA VAL A 5 -17.41 -10.37 -24.37
C VAL A 5 -16.45 -10.78 -25.49
N GLN A 6 -16.22 -12.08 -25.62
CA GLN A 6 -15.30 -12.62 -26.61
C GLN A 6 -16.08 -13.24 -27.77
N SER A 7 -15.34 -13.65 -28.80
CA SER A 7 -15.93 -14.26 -29.97
C SER A 7 -16.21 -15.74 -29.73
N GLY A 8 -16.92 -16.35 -30.66
CA GLY A 8 -17.32 -17.74 -30.51
C GLY A 8 -16.21 -18.71 -30.83
N ALA A 9 -16.52 -19.99 -30.68
CA ALA A 9 -15.55 -21.04 -30.92
C ALA A 9 -15.19 -21.11 -32.40
N GLU A 10 -13.96 -21.54 -32.67
CA GLU A 10 -13.44 -21.64 -34.03
C GLU A 10 -12.69 -22.95 -34.19
N VAL A 11 -12.63 -23.44 -35.42
CA VAL A 11 -11.86 -24.62 -35.79
C VAL A 11 -10.99 -24.25 -36.98
N LYS A 12 -9.69 -24.50 -36.87
CA LYS A 12 -8.72 -24.13 -37.90
C LYS A 12 -7.83 -25.31 -38.23
N LYS A 13 -7.37 -25.37 -39.47
CA LYS A 13 -6.43 -26.39 -39.88
C LYS A 13 -5.01 -25.99 -39.50
N PRO A 14 -4.14 -26.97 -39.26
CA PRO A 14 -2.77 -26.65 -38.87
C PRO A 14 -2.05 -25.84 -39.94
N GLY A 15 -1.20 -24.92 -39.49
CA GLY A 15 -0.48 -24.02 -40.37
C GLY A 15 -1.19 -22.70 -40.64
N ALA A 16 -2.43 -22.54 -40.20
CA ALA A 16 -3.15 -21.30 -40.38
C ALA A 16 -2.95 -20.41 -39.15
N SER A 17 -3.72 -19.33 -39.06
CA SER A 17 -3.66 -18.41 -37.93
C SER A 17 -5.08 -18.00 -37.55
N VAL A 18 -5.26 -17.73 -36.26
CA VAL A 18 -6.57 -17.36 -35.72
C VAL A 18 -6.42 -16.07 -34.90
N LYS A 19 -7.33 -15.13 -35.14
CA LYS A 19 -7.36 -13.87 -34.39
C LYS A 19 -8.65 -13.83 -33.57
N VAL A 20 -8.50 -13.66 -32.26
CA VAL A 20 -9.62 -13.63 -31.33
C VAL A 20 -9.95 -12.17 -31.02
N SER A 21 -11.17 -11.93 -30.53
CA SER A 21 -11.63 -10.59 -30.22
C SER A 21 -12.13 -10.52 -28.78
N CYS A 22 -12.10 -9.32 -28.22
CA CYS A 22 -12.52 -9.09 -26.83
C CYS A 22 -13.04 -7.67 -26.72
N LYS A 23 -14.35 -7.51 -26.64
CA LYS A 23 -14.97 -6.18 -26.53
C LYS A 23 -15.15 -5.82 -25.06
N ALA A 24 -14.81 -4.58 -24.72
CA ALA A 24 -14.85 -4.09 -23.35
C ALA A 24 -15.79 -2.91 -23.24
N SER A 25 -16.48 -2.82 -22.09
CA SER A 25 -17.41 -1.73 -21.86
C SER A 25 -17.59 -1.55 -20.35
N GLY A 26 -17.90 -0.32 -19.96
CA GLY A 26 -18.21 -0.01 -18.58
C GLY A 26 -17.07 0.56 -17.75
N TYR A 27 -15.96 0.93 -18.37
CA TYR A 27 -14.84 1.49 -17.63
C TYR A 27 -13.97 2.29 -18.61
N PRO A 28 -13.17 3.23 -18.09
CA PRO A 28 -12.23 3.95 -18.98
C PRO A 28 -11.24 2.99 -19.62
N PHE A 29 -11.32 2.87 -20.94
CA PHE A 29 -10.57 1.86 -21.65
C PHE A 29 -9.06 2.11 -21.57
N THR A 30 -8.65 3.37 -21.66
CA THR A 30 -7.24 3.70 -21.75
C THR A 30 -6.49 3.57 -20.43
N SER A 31 -7.19 3.47 -19.30
CA SER A 31 -6.54 3.43 -18.00
C SER A 31 -6.18 2.01 -17.57
N TYR A 32 -6.58 0.99 -18.32
CA TYR A 32 -6.26 -0.39 -17.99
C TYR A 32 -5.80 -1.12 -19.24
N GLY A 33 -4.79 -1.98 -19.08
CA GLY A 33 -4.36 -2.85 -20.16
C GLY A 33 -5.19 -4.11 -20.22
N ILE A 34 -4.81 -4.99 -21.16
CA ILE A 34 -5.49 -6.25 -21.39
C ILE A 34 -4.46 -7.37 -21.39
N SER A 35 -4.75 -8.43 -20.64
CA SER A 35 -3.88 -9.60 -20.55
C SER A 35 -4.61 -10.82 -21.08
N TRP A 36 -3.85 -11.73 -21.70
CA TRP A 36 -4.39 -12.95 -22.28
C TRP A 36 -3.78 -14.16 -21.61
N VAL A 37 -4.63 -15.10 -21.19
CA VAL A 37 -4.22 -16.35 -20.57
C VAL A 37 -5.02 -17.47 -21.22
N ARG A 38 -4.35 -18.57 -21.54
CA ARG A 38 -5.00 -19.72 -22.15
C ARG A 38 -4.88 -20.94 -21.25
N GLN A 39 -5.85 -21.85 -21.39
CA GLN A 39 -5.92 -23.05 -20.55
C GLN A 39 -6.15 -24.26 -21.45
N ALA A 40 -5.19 -25.18 -21.47
CA ALA A 40 -5.35 -26.42 -22.21
C ALA A 40 -6.45 -27.27 -21.57
N PRO A 41 -7.10 -28.13 -22.36
CA PRO A 41 -8.17 -28.96 -21.79
C PRO A 41 -7.66 -29.92 -20.73
N GLY A 42 -8.09 -29.72 -19.48
CA GLY A 42 -7.64 -30.54 -18.39
C GLY A 42 -6.33 -30.12 -17.76
N GLN A 43 -5.79 -28.98 -18.14
CA GLN A 43 -4.52 -28.48 -17.61
C GLN A 43 -4.75 -27.15 -16.91
N GLY A 44 -3.65 -26.51 -16.50
CA GLY A 44 -3.71 -25.26 -15.77
C GLY A 44 -3.68 -24.04 -16.68
N LEU A 45 -3.46 -22.89 -16.06
CA LEU A 45 -3.43 -21.63 -16.77
C LEU A 45 -2.02 -21.31 -17.25
N GLU A 46 -1.92 -20.82 -18.48
CA GLU A 46 -0.64 -20.46 -19.09
C GLU A 46 -0.73 -19.06 -19.66
N TRP A 47 0.23 -18.21 -19.30
CA TRP A 47 0.19 -16.81 -19.68
C TRP A 47 0.68 -16.61 -21.11
N MET A 48 0.09 -15.64 -21.80
CA MET A 48 0.46 -15.31 -23.17
C MET A 48 1.13 -13.95 -23.30
N GLY A 49 0.49 -12.89 -22.81
CA GLY A 49 1.11 -11.57 -22.91
C GLY A 49 0.21 -10.50 -22.35
N TRP A 50 0.70 -9.26 -22.43
CA TRP A 50 0.03 -8.08 -21.93
C TRP A 50 0.18 -6.95 -22.95
N ILE A 51 -0.88 -6.16 -23.10
CA ILE A 51 -0.88 -5.04 -24.04
C ILE A 51 -1.38 -3.79 -23.33
N SER A 52 -0.89 -2.64 -23.76
CA SER A 52 -1.28 -1.34 -23.22
C SER A 52 -2.17 -0.61 -24.21
N THR A 53 -3.24 -0.02 -23.70
CA THR A 53 -4.24 0.64 -24.53
C THR A 53 -4.01 2.15 -24.63
N TYR A 54 -2.87 2.64 -24.16
CA TYR A 54 -2.53 4.05 -24.24
C TYR A 54 -1.40 4.31 -25.23
N ASN A 55 -0.27 3.62 -25.09
CA ASN A 55 0.85 3.79 -26.00
C ASN A 55 1.01 2.63 -26.98
N GLY A 56 0.57 1.43 -26.61
CA GLY A 56 0.66 0.28 -27.49
C GLY A 56 1.79 -0.68 -27.18
N ASN A 57 2.48 -0.53 -26.06
CA ASN A 57 3.55 -1.45 -25.70
C ASN A 57 3.00 -2.85 -25.41
N THR A 58 3.80 -3.86 -25.75
CA THR A 58 3.44 -5.25 -25.55
C THR A 58 4.57 -5.98 -24.84
N ASN A 59 4.20 -6.85 -23.91
CA ASN A 59 5.15 -7.66 -23.15
C ASN A 59 4.73 -9.12 -23.25
N TYR A 60 5.23 -9.82 -24.26
CA TYR A 60 4.86 -11.19 -24.52
C TYR A 60 5.70 -12.16 -23.69
N ALA A 61 5.22 -13.39 -23.58
CA ALA A 61 5.97 -14.44 -22.91
C ALA A 61 7.07 -14.97 -23.83
N GLN A 62 8.09 -15.58 -23.22
CA GLN A 62 9.21 -16.09 -23.99
C GLN A 62 8.81 -17.23 -24.91
N LYS A 63 7.86 -18.07 -24.49
CA LYS A 63 7.45 -19.19 -25.31
C LYS A 63 6.76 -18.74 -26.59
N PHE A 64 5.95 -17.68 -26.49
CA PHE A 64 5.19 -17.16 -27.62
C PHE A 64 5.82 -15.88 -28.19
N GLN A 65 7.13 -15.71 -27.97
CA GLN A 65 7.78 -14.46 -28.34
C GLN A 65 7.74 -14.20 -29.84
N GLY A 66 7.66 -15.25 -30.65
CA GLY A 66 7.79 -15.10 -32.08
C GLY A 66 6.50 -15.03 -32.86
N ARG A 67 5.44 -15.70 -32.40
CA ARG A 67 4.25 -15.91 -33.21
C ARG A 67 2.98 -15.38 -32.56
N VAL A 68 3.06 -14.23 -31.89
CA VAL A 68 1.87 -13.60 -31.32
C VAL A 68 1.93 -12.09 -31.55
N THR A 69 0.77 -11.49 -31.80
CA THR A 69 0.66 -10.05 -31.94
C THR A 69 -0.69 -9.60 -31.39
N MET A 70 -0.69 -8.50 -30.66
CA MET A 70 -1.89 -7.98 -30.01
C MET A 70 -2.12 -6.54 -30.44
N THR A 71 -3.37 -6.20 -30.74
CA THR A 71 -3.75 -4.86 -31.13
C THR A 71 -5.02 -4.45 -30.40
N THR A 72 -5.14 -3.16 -30.11
CA THR A 72 -6.32 -2.60 -29.47
C THR A 72 -6.87 -1.47 -30.32
N ASP A 73 -8.18 -1.45 -30.50
CA ASP A 73 -8.87 -0.38 -31.22
C ASP A 73 -9.57 0.49 -30.19
N THR A 74 -9.06 1.72 -30.02
CA THR A 74 -9.63 2.61 -29.02
C THR A 74 -11.06 3.01 -29.37
N SER A 75 -11.36 3.18 -30.66
CA SER A 75 -12.70 3.61 -31.07
C SER A 75 -13.76 2.59 -30.67
N THR A 76 -13.48 1.31 -30.85
CA THR A 76 -14.43 0.25 -30.55
C THR A 76 -14.15 -0.43 -29.21
N THR A 77 -13.09 -0.04 -28.51
CA THR A 77 -12.71 -0.61 -27.22
C THR A 77 -12.66 -2.14 -27.27
N THR A 78 -12.03 -2.66 -28.34
CA THR A 78 -11.91 -4.09 -28.56
C THR A 78 -10.44 -4.46 -28.70
N GLY A 79 -10.02 -5.51 -28.01
CA GLY A 79 -8.68 -6.05 -28.13
C GLY A 79 -8.66 -7.33 -28.94
N TYR A 80 -7.55 -7.57 -29.61
CA TYR A 80 -7.41 -8.74 -30.47
C TYR A 80 -6.08 -9.45 -30.19
N MET A 81 -6.11 -10.77 -30.34
CA MET A 81 -4.91 -11.59 -30.25
C MET A 81 -4.83 -12.47 -31.48
N GLU A 82 -3.70 -12.40 -32.18
CA GLU A 82 -3.47 -13.20 -33.39
C GLU A 82 -2.33 -14.17 -33.15
N LEU A 83 -2.60 -15.46 -33.28
CA LEU A 83 -1.60 -16.51 -33.10
C LEU A 83 -1.36 -17.18 -34.45
N ARG A 84 -0.11 -17.18 -34.90
CA ARG A 84 0.25 -17.70 -36.20
C ARG A 84 0.94 -19.04 -36.06
N ARG A 85 0.99 -19.78 -37.17
CA ARG A 85 1.60 -21.11 -37.24
C ARG A 85 0.97 -22.03 -36.19
N LEU A 86 -0.33 -22.27 -36.35
CA LEU A 86 -1.06 -23.09 -35.39
C LEU A 86 -0.54 -24.51 -35.39
N ARG A 87 -0.53 -25.11 -34.21
CA ARG A 87 0.03 -26.44 -33.99
C ARG A 87 -1.03 -27.35 -33.41
N SER A 88 -0.70 -28.64 -33.33
CA SER A 88 -1.65 -29.62 -32.80
C SER A 88 -1.92 -29.39 -31.32
N ASP A 89 -0.88 -29.04 -30.55
CA ASP A 89 -1.01 -28.82 -29.12
C ASP A 89 -1.43 -27.39 -28.77
N ASP A 90 -2.01 -26.65 -29.70
CA ASP A 90 -2.49 -25.30 -29.45
C ASP A 90 -3.99 -25.24 -29.22
N THR A 91 -4.65 -26.40 -29.06
CA THR A 91 -6.08 -26.43 -28.78
C THR A 91 -6.30 -26.11 -27.30
N ALA A 92 -6.98 -25.01 -27.02
CA ALA A 92 -7.16 -24.56 -25.65
C ALA A 92 -8.32 -23.56 -25.61
N VAL A 93 -8.56 -23.02 -24.42
CA VAL A 93 -9.55 -21.98 -24.19
C VAL A 93 -8.82 -20.69 -23.86
N TYR A 94 -9.04 -19.65 -24.68
CA TYR A 94 -8.32 -18.39 -24.57
C TYR A 94 -9.16 -17.38 -23.81
N TYR A 95 -8.53 -16.72 -22.83
CA TYR A 95 -9.23 -15.80 -21.95
C TYR A 95 -8.72 -14.37 -22.14
N CYS A 96 -9.60 -13.42 -21.89
CA CYS A 96 -9.32 -11.99 -21.97
C CYS A 96 -9.58 -11.39 -20.60
N ALA A 97 -8.61 -10.65 -20.07
CA ALA A 97 -8.71 -10.11 -18.72
C ALA A 97 -8.25 -8.67 -18.67
N ARG A 98 -8.99 -7.84 -17.92
CA ARG A 98 -8.54 -6.49 -17.63
C ARG A 98 -7.38 -6.55 -16.64
N ASP A 99 -6.33 -5.77 -16.91
CA ASP A 99 -5.05 -5.91 -16.24
C ASP A 99 -4.87 -4.81 -15.21
N TYR A 100 -4.39 -5.19 -14.03
CA TYR A 100 -3.96 -4.27 -12.99
C TYR A 100 -2.63 -4.72 -12.41
N THR A 101 -1.79 -5.33 -13.24
CA THR A 101 -0.46 -5.78 -12.84
C THR A 101 0.66 -4.91 -13.40
N ARG A 102 0.44 -4.27 -14.54
CA ARG A 102 1.40 -3.34 -15.13
C ARG A 102 0.65 -2.11 -15.61
N GLY A 103 1.19 -0.94 -15.29
CA GLY A 103 0.53 0.30 -15.66
C GLY A 103 0.57 0.52 -17.16
N ALA A 104 -0.40 1.31 -17.64
CA ALA A 104 -0.49 1.57 -19.08
C ALA A 104 0.36 2.76 -19.50
N TRP A 105 0.32 3.85 -18.74
CA TRP A 105 1.06 5.04 -19.14
C TRP A 105 2.56 4.87 -18.96
N PHE A 106 2.98 4.32 -17.82
CA PHE A 106 4.39 4.27 -17.47
C PHE A 106 5.03 2.91 -17.65
N GLY A 107 4.28 1.83 -17.50
CA GLY A 107 4.81 0.50 -17.73
C GLY A 107 5.47 -0.17 -16.54
N GLU A 108 5.26 0.33 -15.33
CA GLU A 108 5.83 -0.27 -14.13
C GLU A 108 4.83 -1.25 -13.51
N SER A 109 5.31 -1.99 -12.52
CA SER A 109 4.48 -2.99 -11.87
C SER A 109 3.47 -2.32 -10.92
N LEU A 110 2.37 -3.03 -10.68
CA LEU A 110 1.30 -2.53 -9.83
C LEU A 110 0.92 -3.61 -8.81
N ILE A 111 0.19 -3.20 -7.78
CA ILE A 111 -0.35 -4.10 -6.78
C ILE A 111 -1.77 -4.46 -7.18
N GLY A 112 -1.97 -5.71 -7.56
CA GLY A 112 -3.28 -6.17 -7.98
C GLY A 112 -3.14 -7.42 -8.84
N GLY A 113 -4.14 -7.64 -9.68
CA GLY A 113 -4.14 -8.77 -10.58
C GLY A 113 -5.05 -8.51 -11.76
N PHE A 114 -5.65 -9.58 -12.28
CA PHE A 114 -6.62 -9.49 -13.37
C PHE A 114 -8.00 -9.46 -12.72
N ASP A 115 -8.59 -8.27 -12.67
CA ASP A 115 -9.82 -8.09 -11.89
C ASP A 115 -11.05 -8.66 -12.58
N ASN A 116 -11.13 -8.55 -13.90
CA ASN A 116 -12.30 -8.99 -14.66
C ASN A 116 -11.85 -9.91 -15.79
N TRP A 117 -12.68 -10.89 -16.12
CA TRP A 117 -12.40 -11.87 -17.15
C TRP A 117 -13.53 -11.91 -18.18
N GLY A 118 -13.34 -12.74 -19.21
CA GLY A 118 -14.33 -12.95 -20.23
C GLY A 118 -14.74 -14.41 -20.31
N GLN A 119 -15.76 -14.66 -21.14
CA GLN A 119 -16.34 -16.00 -21.22
C GLN A 119 -15.32 -17.01 -21.73
N GLY A 120 -14.54 -16.65 -22.73
CA GLY A 120 -13.54 -17.55 -23.27
C GLY A 120 -13.90 -18.03 -24.66
N THR A 121 -12.88 -18.33 -25.45
CA THR A 121 -13.05 -18.82 -26.82
C THR A 121 -12.39 -20.18 -26.95
N LEU A 122 -13.10 -21.12 -27.56
CA LEU A 122 -12.60 -22.47 -27.77
C LEU A 122 -12.02 -22.59 -29.17
N VAL A 123 -10.74 -22.92 -29.25
CA VAL A 123 -10.01 -23.02 -30.51
C VAL A 123 -9.55 -24.45 -30.70
N THR A 124 -9.95 -25.06 -31.82
CA THR A 124 -9.60 -26.43 -32.13
C THR A 124 -8.74 -26.45 -33.39
N VAL A 125 -7.55 -27.02 -33.28
CA VAL A 125 -6.62 -27.16 -34.41
C VAL A 125 -6.35 -28.65 -34.55
N SER A 126 -7.12 -29.31 -35.42
CA SER A 126 -6.94 -30.74 -35.65
C SER A 126 -7.00 -31.01 -37.14
N SER A 127 -6.15 -31.92 -37.59
CA SER A 127 -6.06 -32.29 -39.01
C SER A 127 -7.12 -33.34 -39.31
N ALA A 128 -8.37 -32.89 -39.39
CA ALA A 128 -9.48 -33.78 -39.66
C ALA A 128 -10.61 -32.98 -40.30
N SER A 129 -11.55 -33.71 -40.89
CA SER A 129 -12.70 -33.11 -41.56
C SER A 129 -13.97 -33.40 -40.76
N THR A 130 -15.03 -32.65 -41.07
CA THR A 130 -16.28 -32.82 -40.36
C THR A 130 -16.92 -34.15 -40.74
N LYS A 131 -17.31 -34.92 -39.72
CA LYS A 131 -17.97 -36.20 -39.90
C LYS A 131 -19.14 -36.30 -38.94
N GLY A 132 -20.23 -36.89 -39.41
CA GLY A 132 -21.43 -37.01 -38.61
C GLY A 132 -21.35 -38.13 -37.60
N PRO A 133 -21.99 -37.94 -36.45
CA PRO A 133 -21.99 -38.97 -35.42
C PRO A 133 -22.75 -40.21 -35.87
N SER A 134 -22.31 -41.36 -35.37
CA SER A 134 -22.99 -42.63 -35.58
C SER A 134 -23.35 -43.20 -34.22
N VAL A 135 -24.61 -43.61 -34.06
CA VAL A 135 -25.15 -44.04 -32.78
C VAL A 135 -25.27 -45.56 -32.79
N PHE A 136 -24.73 -46.19 -31.74
CA PHE A 136 -24.86 -47.63 -31.54
C PHE A 136 -25.51 -47.85 -30.18
N PRO A 137 -26.70 -48.44 -30.12
CA PRO A 137 -27.34 -48.67 -28.82
C PRO A 137 -26.63 -49.73 -28.00
N LEU A 138 -26.74 -49.59 -26.68
CA LEU A 138 -26.17 -50.53 -25.73
C LEU A 138 -27.31 -51.11 -24.90
N ALA A 139 -27.86 -52.25 -25.35
CA ALA A 139 -28.97 -52.86 -24.66
C ALA A 139 -28.50 -53.51 -23.36
N PRO A 140 -29.36 -53.52 -22.33
CA PRO A 140 -29.00 -54.20 -21.08
C PRO A 140 -28.90 -55.71 -21.27
N SER A 141 -28.22 -56.36 -20.34
CA SER A 141 -28.07 -57.80 -20.39
C SER A 141 -29.41 -58.50 -20.18
N SER A 142 -29.46 -59.76 -20.59
CA SER A 142 -30.70 -60.53 -20.48
C SER A 142 -31.10 -60.71 -19.02
N LYS A 143 -30.14 -60.97 -18.15
CA LYS A 143 -30.42 -61.17 -16.74
C LYS A 143 -30.65 -59.83 -16.04
N SER A 144 -31.23 -59.89 -14.86
CA SER A 144 -31.49 -58.72 -14.02
C SER A 144 -30.88 -58.95 -12.65
N THR A 145 -30.11 -57.96 -12.18
CA THR A 145 -29.42 -58.05 -10.89
C THR A 145 -29.86 -56.88 -10.01
N SER A 146 -30.06 -57.17 -8.72
CA SER A 146 -30.46 -56.17 -7.73
C SER A 146 -31.71 -55.42 -8.18
N GLY A 147 -32.71 -56.18 -8.60
CA GLY A 147 -33.94 -55.55 -9.08
C GLY A 147 -34.65 -54.79 -7.98
N GLY A 148 -35.26 -53.67 -8.35
CA GLY A 148 -35.24 -53.22 -9.73
C GLY A 148 -34.20 -52.16 -10.02
N THR A 149 -33.07 -52.59 -10.61
CA THR A 149 -32.00 -51.68 -11.02
C THR A 149 -31.45 -52.16 -12.34
N ALA A 150 -31.62 -51.36 -13.39
CA ALA A 150 -31.11 -51.70 -14.71
C ALA A 150 -30.59 -50.44 -15.37
N ALA A 151 -29.53 -50.59 -16.16
CA ALA A 151 -28.89 -49.47 -16.84
C ALA A 151 -28.86 -49.73 -18.33
N LEU A 152 -29.00 -48.65 -19.11
CA LEU A 152 -28.93 -48.73 -20.56
C LEU A 152 -28.35 -47.42 -21.09
N GLY A 153 -27.83 -47.48 -22.31
CA GLY A 153 -27.26 -46.30 -22.93
C GLY A 153 -27.05 -46.51 -24.40
N CYS A 154 -26.58 -45.45 -25.06
CA CYS A 154 -26.24 -45.48 -26.48
C CYS A 154 -24.86 -44.89 -26.67
N LEU A 155 -24.07 -45.50 -27.54
CA LEU A 155 -22.69 -45.09 -27.81
C LEU A 155 -22.64 -44.21 -29.05
N VAL A 156 -22.00 -43.05 -28.93
CA VAL A 156 -21.81 -42.13 -30.05
C VAL A 156 -20.33 -42.12 -30.41
N LYS A 157 -20.04 -42.25 -31.69
CA LYS A 157 -18.66 -42.40 -32.15
C LYS A 157 -18.46 -41.64 -33.45
N ASP A 158 -17.21 -41.24 -33.69
CA ASP A 158 -16.77 -40.64 -34.95
C ASP A 158 -17.54 -39.35 -35.27
N TYR A 159 -17.30 -38.35 -34.41
CA TYR A 159 -17.78 -37.00 -34.65
C TYR A 159 -16.67 -36.02 -34.33
N PHE A 160 -16.36 -35.12 -35.27
CA PHE A 160 -15.20 -34.25 -35.10
C PHE A 160 -15.46 -33.09 -34.13
N PRO A 161 -16.46 -32.22 -34.35
CA PRO A 161 -16.66 -31.12 -33.42
C PRO A 161 -17.01 -31.63 -32.03
N GLU A 162 -16.42 -31.00 -31.02
CA GLU A 162 -16.61 -31.47 -29.64
C GLU A 162 -18.05 -31.35 -29.13
N PRO A 163 -18.74 -30.21 -29.24
CA PRO A 163 -20.03 -30.07 -28.55
C PRO A 163 -21.12 -30.89 -29.22
N VAL A 164 -21.71 -31.79 -28.44
CA VAL A 164 -22.90 -32.54 -28.86
C VAL A 164 -23.87 -32.58 -27.69
N THR A 165 -25.14 -32.85 -28.01
CA THR A 165 -26.18 -32.92 -27.00
C THR A 165 -26.90 -34.26 -27.11
N VAL A 166 -27.04 -34.95 -25.98
CA VAL A 166 -27.71 -36.24 -25.92
C VAL A 166 -28.82 -36.16 -24.90
N SER A 167 -30.03 -36.53 -25.30
CA SER A 167 -31.20 -36.51 -24.43
C SER A 167 -31.94 -37.83 -24.54
N TRP A 168 -32.61 -38.20 -23.45
CA TRP A 168 -33.36 -39.45 -23.37
C TRP A 168 -34.86 -39.16 -23.32
N ASN A 169 -35.63 -39.90 -24.09
CA ASN A 169 -37.09 -39.80 -24.10
C ASN A 169 -37.56 -38.38 -24.37
N SER A 170 -36.90 -37.70 -25.31
CA SER A 170 -37.24 -36.33 -25.70
C SER A 170 -37.23 -35.40 -24.48
N GLY A 171 -36.28 -35.62 -23.59
CA GLY A 171 -36.12 -34.77 -22.42
C GLY A 171 -37.09 -35.03 -21.29
N ALA A 172 -37.96 -36.03 -21.42
CA ALA A 172 -38.93 -36.31 -20.37
C ALA A 172 -38.27 -36.86 -19.12
N LEU A 173 -37.14 -37.54 -19.26
CA LEU A 173 -36.44 -38.16 -18.14
C LEU A 173 -35.27 -37.27 -17.73
N THR A 174 -35.21 -36.93 -16.44
CA THR A 174 -34.13 -36.09 -15.93
C THR A 174 -33.59 -36.59 -14.60
N SER A 175 -33.83 -37.85 -14.25
CA SER A 175 -33.35 -38.43 -13.01
C SER A 175 -32.53 -39.68 -13.33
N GLY A 176 -31.37 -39.79 -12.70
CA GLY A 176 -30.50 -40.95 -12.93
C GLY A 176 -29.95 -41.03 -14.33
N VAL A 177 -29.55 -39.91 -14.91
CA VAL A 177 -28.96 -39.86 -16.25
C VAL A 177 -27.57 -39.26 -16.14
N HIS A 178 -26.58 -39.97 -16.68
CA HIS A 178 -25.19 -39.51 -16.67
C HIS A 178 -24.67 -39.49 -18.10
N THR A 179 -24.08 -38.37 -18.49
CA THR A 179 -23.44 -38.23 -19.80
C THR A 179 -21.95 -38.02 -19.60
N PHE A 180 -21.16 -38.89 -20.22
CA PHE A 180 -19.71 -38.90 -20.06
C PHE A 180 -19.05 -37.82 -20.92
N PRO A 181 -17.96 -37.23 -20.44
CA PRO A 181 -17.20 -36.30 -21.28
C PRO A 181 -16.58 -37.02 -22.46
N ALA A 182 -16.45 -36.30 -23.57
CA ALA A 182 -15.87 -36.87 -24.78
C ALA A 182 -14.38 -37.15 -24.58
N VAL A 183 -13.90 -38.20 -25.25
CA VAL A 183 -12.51 -38.61 -25.18
C VAL A 183 -11.95 -38.66 -26.60
N LEU A 184 -10.77 -38.08 -26.80
CA LEU A 184 -10.18 -38.04 -28.12
C LEU A 184 -9.56 -39.38 -28.49
N GLN A 185 -9.85 -39.83 -29.70
CA GLN A 185 -9.32 -41.09 -30.21
C GLN A 185 -8.01 -40.84 -30.97
N SER A 186 -7.28 -41.93 -31.20
CA SER A 186 -6.04 -41.84 -31.95
C SER A 186 -6.29 -41.47 -33.40
N SER A 187 -7.45 -41.86 -33.95
CA SER A 187 -7.78 -41.52 -35.33
C SER A 187 -7.92 -40.01 -35.50
N GLY A 188 -8.56 -39.35 -34.54
CA GLY A 188 -8.74 -37.91 -34.61
C GLY A 188 -10.17 -37.47 -34.36
N LEU A 189 -11.06 -38.43 -34.14
CA LEU A 189 -12.46 -38.14 -33.86
C LEU A 189 -12.73 -38.29 -32.37
N TYR A 190 -13.99 -38.13 -31.98
CA TYR A 190 -14.41 -38.19 -30.59
C TYR A 190 -15.46 -39.27 -30.40
N SER A 191 -15.58 -39.76 -29.17
CA SER A 191 -16.57 -40.75 -28.80
C SER A 191 -17.19 -40.36 -27.46
N LEU A 192 -18.51 -40.43 -27.38
CA LEU A 192 -19.24 -40.05 -26.18
C LEU A 192 -20.31 -41.09 -25.88
N SER A 193 -20.58 -41.28 -24.59
CA SER A 193 -21.58 -42.23 -24.13
C SER A 193 -22.44 -41.60 -23.05
N SER A 194 -23.73 -41.92 -23.07
CA SER A 194 -24.67 -41.47 -22.05
C SER A 194 -25.44 -42.69 -21.54
N VAL A 195 -25.47 -42.85 -20.22
CA VAL A 195 -26.11 -44.00 -19.60
C VAL A 195 -27.15 -43.51 -18.60
N VAL A 196 -28.20 -44.32 -18.44
CA VAL A 196 -29.29 -44.00 -17.53
C VAL A 196 -29.68 -45.28 -16.79
N THR A 197 -29.88 -45.16 -15.48
CA THR A 197 -30.27 -46.29 -14.66
C THR A 197 -31.78 -46.24 -14.41
N VAL A 198 -32.46 -47.34 -14.69
CA VAL A 198 -33.92 -47.41 -14.58
C VAL A 198 -34.29 -48.66 -13.78
N PRO A 199 -35.44 -48.65 -13.11
CA PRO A 199 -35.88 -49.85 -12.39
C PRO A 199 -36.08 -51.03 -13.33
N SER A 200 -35.56 -52.19 -12.92
CA SER A 200 -35.69 -53.38 -13.73
C SER A 200 -37.12 -53.92 -13.72
N SER A 201 -37.93 -53.50 -12.76
CA SER A 201 -39.30 -54.01 -12.66
C SER A 201 -40.13 -53.63 -13.87
N SER A 202 -39.98 -52.39 -14.35
CA SER A 202 -40.76 -51.88 -15.48
C SER A 202 -39.89 -51.69 -16.71
N LEU A 203 -38.93 -52.60 -16.93
CA LEU A 203 -38.06 -52.50 -18.09
C LEU A 203 -38.83 -52.75 -19.38
N GLY A 204 -39.66 -53.79 -19.40
CA GLY A 204 -40.42 -54.09 -20.60
C GLY A 204 -41.49 -53.05 -20.90
N THR A 205 -42.18 -52.56 -19.87
CA THR A 205 -43.29 -51.65 -20.09
C THR A 205 -42.81 -50.29 -20.58
N GLN A 206 -41.74 -49.76 -19.99
CA GLN A 206 -41.23 -48.43 -20.34
C GLN A 206 -40.20 -48.59 -21.45
N THR A 207 -40.40 -47.87 -22.55
CA THR A 207 -39.48 -47.87 -23.68
C THR A 207 -38.88 -46.47 -23.82
N TYR A 208 -37.56 -46.41 -23.97
CA TYR A 208 -36.84 -45.15 -24.08
C TYR A 208 -35.98 -45.15 -25.33
N ILE A 209 -35.76 -43.96 -25.88
CA ILE A 209 -34.95 -43.78 -27.09
C ILE A 209 -34.03 -42.59 -26.86
N CYS A 210 -32.73 -42.80 -27.09
CA CYS A 210 -31.76 -41.72 -26.96
C CYS A 210 -31.69 -40.91 -28.25
N ASN A 211 -31.58 -39.60 -28.12
CA ASN A 211 -31.53 -38.69 -29.25
C ASN A 211 -30.23 -37.91 -29.22
N VAL A 212 -29.62 -37.74 -30.39
CA VAL A 212 -28.31 -37.09 -30.51
C VAL A 212 -28.46 -35.86 -31.40
N ASN A 213 -27.99 -34.72 -30.90
CA ASN A 213 -28.02 -33.47 -31.65
C ASN A 213 -26.60 -33.03 -31.95
N HIS A 214 -26.30 -32.82 -33.23
CA HIS A 214 -24.98 -32.39 -33.68
C HIS A 214 -25.17 -31.17 -34.57
N LYS A 215 -24.99 -29.98 -34.00
CA LYS A 215 -25.23 -28.75 -34.74
C LYS A 215 -24.35 -28.59 -35.97
N PRO A 216 -23.02 -28.79 -35.91
CA PRO A 216 -22.21 -28.52 -37.10
C PRO A 216 -22.59 -29.32 -38.32
N SER A 217 -22.98 -30.59 -38.14
CA SER A 217 -23.39 -31.43 -39.25
C SER A 217 -24.90 -31.43 -39.48
N ASN A 218 -25.67 -30.82 -38.59
CA ASN A 218 -27.13 -30.78 -38.69
C ASN A 218 -27.71 -32.18 -38.83
N THR A 219 -27.14 -33.13 -38.07
CA THR A 219 -27.55 -34.52 -38.13
C THR A 219 -28.20 -34.89 -36.81
N LYS A 220 -29.42 -35.43 -36.88
CA LYS A 220 -30.15 -35.91 -35.72
C LYS A 220 -30.60 -37.35 -35.99
N VAL A 221 -30.01 -38.29 -35.26
CA VAL A 221 -30.31 -39.71 -35.42
C VAL A 221 -30.90 -40.22 -34.12
N ASP A 222 -32.08 -40.81 -34.19
CA ASP A 222 -32.79 -41.33 -33.03
C ASP A 222 -32.94 -42.84 -33.17
N LYS A 223 -32.49 -43.58 -32.17
CA LYS A 223 -32.55 -45.03 -32.17
C LYS A 223 -33.01 -45.51 -30.80
N LYS A 224 -34.12 -46.26 -30.79
CA LYS A 224 -34.66 -46.79 -29.55
C LYS A 224 -33.82 -47.96 -29.05
N VAL A 225 -33.88 -48.20 -27.75
CA VAL A 225 -33.10 -49.26 -27.09
C VAL A 225 -34.09 -50.29 -26.56
N GLU A 226 -33.94 -51.52 -27.00
CA GLU A 226 -34.75 -52.64 -26.58
C GLU A 226 -33.87 -53.87 -26.37
N PRO A 227 -34.28 -54.80 -25.51
CA PRO A 227 -33.50 -56.03 -25.31
C PRO A 227 -33.43 -56.84 -26.59
N LYS A 228 -32.21 -57.11 -27.05
CA LYS A 228 -31.97 -57.86 -28.29
C LYS A 228 -32.69 -57.25 -29.48
N GLU B 1 13.41 -18.48 -14.15
CA GLU B 1 12.29 -17.72 -13.59
C GLU B 1 11.75 -18.39 -12.34
N ILE B 2 10.93 -17.66 -11.59
CA ILE B 2 10.34 -18.20 -10.38
C ILE B 2 9.30 -19.24 -10.75
N VAL B 3 9.37 -20.41 -10.09
CA VAL B 3 8.47 -21.51 -10.33
C VAL B 3 7.59 -21.71 -9.10
N LEU B 4 6.29 -21.69 -9.29
CA LEU B 4 5.32 -21.79 -8.20
C LEU B 4 4.77 -23.21 -8.14
N THR B 5 4.90 -23.84 -6.97
CA THR B 5 4.38 -25.19 -6.75
C THR B 5 3.32 -25.14 -5.66
N GLN B 6 2.16 -25.72 -5.94
CA GLN B 6 1.04 -25.74 -5.02
C GLN B 6 0.83 -27.16 -4.51
N SER B 7 0.76 -27.31 -3.19
CA SER B 7 0.54 -28.60 -2.56
C SER B 7 -0.47 -28.44 -1.44
N PRO B 8 -1.36 -29.43 -1.24
CA PRO B 8 -1.45 -30.66 -2.03
C PRO B 8 -2.25 -30.47 -3.31
N GLY B 9 -2.14 -31.42 -4.24
CA GLY B 9 -2.88 -31.32 -5.48
C GLY B 9 -4.39 -31.39 -5.28
N THR B 10 -4.84 -32.27 -4.39
CA THR B 10 -6.25 -32.42 -4.09
C THR B 10 -6.47 -32.31 -2.59
N LEU B 11 -7.65 -31.83 -2.20
CA LEU B 11 -8.00 -31.64 -0.81
C LEU B 11 -9.50 -31.87 -0.65
N SER B 12 -9.86 -32.99 -0.03
CA SER B 12 -11.26 -33.34 0.17
C SER B 12 -11.67 -32.99 1.59
N LEU B 13 -12.74 -32.20 1.71
CA LEU B 13 -13.22 -31.73 3.01
C LEU B 13 -14.74 -31.68 2.98
N SER B 14 -15.34 -31.68 4.18
CA SER B 14 -16.78 -31.57 4.33
C SER B 14 -17.19 -30.13 4.59
N PRO B 15 -18.36 -29.72 4.13
CA PRO B 15 -18.79 -28.33 4.34
C PRO B 15 -18.89 -28.00 5.83
N GLY B 16 -18.52 -26.75 6.15
CA GLY B 16 -18.49 -26.29 7.52
C GLY B 16 -17.11 -26.30 8.16
N GLU B 17 -16.13 -26.93 7.53
CA GLU B 17 -14.78 -26.97 8.06
C GLU B 17 -13.99 -25.76 7.55
N ARG B 18 -12.68 -25.77 7.74
CA ARG B 18 -11.80 -24.73 7.23
C ARG B 18 -10.76 -25.32 6.30
N ALA B 19 -10.26 -24.50 5.39
CA ALA B 19 -9.32 -24.94 4.35
C ALA B 19 -8.06 -24.10 4.42
N THR B 20 -6.92 -24.77 4.24
CA THR B 20 -5.61 -24.13 4.24
C THR B 20 -4.84 -24.59 3.00
N LEU B 21 -4.34 -23.63 2.23
CA LEU B 21 -3.63 -23.92 0.99
C LEU B 21 -2.25 -23.26 1.03
N SER B 22 -1.30 -23.82 0.29
CA SER B 22 0.07 -23.34 0.25
C SER B 22 0.51 -23.06 -1.17
N CYS B 23 1.22 -21.95 -1.36
CA CYS B 23 1.80 -21.57 -2.64
C CYS B 23 3.26 -21.23 -2.40
N ARG B 24 4.16 -22.12 -2.82
CA ARG B 24 5.57 -22.02 -2.52
C ARG B 24 6.35 -21.56 -3.74
N ALA B 25 7.30 -20.65 -3.52
CA ALA B 25 8.11 -20.08 -4.58
C ALA B 25 9.57 -20.47 -4.39
N SER B 26 10.30 -20.56 -5.50
CA SER B 26 11.69 -20.97 -5.46
C SER B 26 12.60 -19.87 -4.93
N GLN B 27 12.24 -18.61 -5.18
CA GLN B 27 13.03 -17.46 -4.76
C GLN B 27 12.23 -16.60 -3.80
N THR B 28 12.76 -15.41 -3.50
CA THR B 28 12.05 -14.46 -2.65
C THR B 28 11.12 -13.61 -3.50
N VAL B 29 9.85 -13.58 -3.12
CA VAL B 29 8.83 -12.83 -3.84
C VAL B 29 8.25 -11.78 -2.91
N SER B 30 8.18 -10.54 -3.38
CA SER B 30 7.57 -9.47 -2.60
C SER B 30 6.08 -9.71 -2.44
N SER B 31 5.54 -9.28 -1.29
CA SER B 31 4.12 -9.42 -1.03
C SER B 31 3.27 -8.60 -1.98
N THR B 32 3.85 -7.57 -2.60
CA THR B 32 3.12 -6.73 -3.54
C THR B 32 2.83 -7.40 -4.87
N SER B 33 3.40 -8.59 -5.12
CA SER B 33 3.26 -9.22 -6.42
C SER B 33 2.74 -10.65 -6.29
N LEU B 34 1.67 -10.84 -5.52
CA LEU B 34 1.03 -12.15 -5.42
C LEU B 34 -0.47 -11.97 -5.47
N ALA B 35 -1.15 -12.97 -6.02
CA ALA B 35 -2.61 -12.93 -6.17
C ALA B 35 -3.15 -14.35 -6.15
N TRP B 36 -4.44 -14.46 -5.84
CA TRP B 36 -5.13 -15.74 -5.82
C TRP B 36 -6.35 -15.67 -6.72
N TYR B 37 -6.67 -16.80 -7.35
CA TYR B 37 -7.79 -16.88 -8.28
C TYR B 37 -8.60 -18.13 -7.99
N GLN B 38 -9.91 -18.05 -8.25
CA GLN B 38 -10.81 -19.16 -8.05
C GLN B 38 -11.57 -19.42 -9.34
N GLN B 39 -11.62 -20.69 -9.77
CA GLN B 39 -12.25 -21.05 -11.03
C GLN B 39 -13.27 -22.15 -10.79
N LYS B 40 -14.55 -21.80 -10.84
CA LYS B 40 -15.61 -22.80 -10.82
C LYS B 40 -15.69 -23.51 -12.16
N PRO B 41 -16.16 -24.75 -12.18
CA PRO B 41 -16.17 -25.52 -13.44
C PRO B 41 -17.03 -24.83 -14.50
N GLY B 42 -16.52 -24.82 -15.72
CA GLY B 42 -17.24 -24.23 -16.84
C GLY B 42 -17.33 -22.73 -16.84
N GLN B 43 -16.57 -22.05 -15.99
CA GLN B 43 -16.64 -20.60 -15.85
C GLN B 43 -15.24 -20.02 -15.81
N ALA B 44 -15.15 -18.73 -16.15
CA ALA B 44 -13.87 -18.04 -16.11
C ALA B 44 -13.41 -17.83 -14.67
N PRO B 45 -12.11 -17.77 -14.44
CA PRO B 45 -11.60 -17.53 -13.08
C PRO B 45 -11.96 -16.15 -12.58
N ARG B 46 -12.04 -16.02 -11.26
CA ARG B 46 -12.34 -14.76 -10.61
C ARG B 46 -11.29 -14.46 -9.54
N LEU B 47 -10.98 -13.18 -9.37
CA LEU B 47 -9.96 -12.75 -8.43
C LEU B 47 -10.49 -12.82 -7.00
N LEU B 48 -9.66 -13.32 -6.09
CA LEU B 48 -9.99 -13.38 -4.67
C LEU B 48 -9.13 -12.44 -3.83
N ILE B 49 -7.82 -12.59 -3.88
CA ILE B 49 -6.89 -11.83 -3.05
C ILE B 49 -5.83 -11.23 -3.95
N TYR B 50 -5.55 -9.94 -3.76
CA TYR B 50 -4.45 -9.27 -4.43
C TYR B 50 -3.54 -8.62 -3.39
N GLY B 51 -2.24 -8.65 -3.65
CA GLY B 51 -1.29 -8.20 -2.66
C GLY B 51 -1.05 -9.15 -1.53
N ALA B 52 -1.61 -10.36 -1.60
CA ALA B 52 -1.43 -11.44 -0.64
C ALA B 52 -2.16 -11.17 0.67
N SER B 53 -2.76 -9.98 0.82
CA SER B 53 -3.49 -9.68 2.04
C SER B 53 -4.75 -8.86 1.83
N SER B 54 -5.14 -8.55 0.59
CA SER B 54 -6.26 -7.65 0.33
C SER B 54 -7.36 -8.40 -0.42
N ARG B 55 -8.60 -8.23 0.04
CA ARG B 55 -9.74 -8.88 -0.60
C ARG B 55 -10.30 -7.99 -1.71
N ALA B 56 -10.78 -8.63 -2.77
CA ALA B 56 -11.26 -7.93 -3.94
C ALA B 56 -12.68 -7.42 -3.72
N THR B 57 -13.23 -6.75 -4.74
CA THR B 57 -14.56 -6.19 -4.65
C THR B 57 -15.62 -7.28 -4.78
N GLY B 58 -16.53 -7.35 -3.82
CA GLY B 58 -17.57 -8.35 -3.82
C GLY B 58 -17.18 -9.68 -3.22
N ILE B 59 -15.98 -9.79 -2.66
CA ILE B 59 -15.52 -11.05 -2.07
C ILE B 59 -15.96 -11.11 -0.61
N PRO B 60 -16.64 -12.18 -0.21
CA PRO B 60 -17.07 -12.30 1.19
C PRO B 60 -15.89 -12.38 2.15
N ASP B 61 -16.20 -12.17 3.43
CA ASP B 61 -15.17 -12.11 4.46
C ASP B 61 -14.53 -13.47 4.75
N ARG B 62 -15.07 -14.55 4.19
CA ARG B 62 -14.52 -15.88 4.47
C ARG B 62 -13.07 -15.99 4.02
N PHE B 63 -12.75 -15.47 2.85
CA PHE B 63 -11.42 -15.65 2.27
C PHE B 63 -10.44 -14.65 2.87
N SER B 64 -9.32 -15.17 3.36
CA SER B 64 -8.26 -14.35 3.94
C SER B 64 -6.92 -14.91 3.51
N GLY B 65 -5.94 -14.03 3.37
CA GLY B 65 -4.62 -14.42 2.94
C GLY B 65 -3.54 -13.74 3.76
N SER B 66 -2.44 -14.47 3.95
CA SER B 66 -1.30 -13.96 4.69
C SER B 66 -0.06 -14.72 4.29
N GLY B 67 1.09 -14.13 4.57
CA GLY B 67 2.36 -14.76 4.24
C GLY B 67 3.35 -13.79 3.62
N SER B 68 4.64 -14.12 3.69
CA SER B 68 5.69 -13.26 3.15
C SER B 68 6.92 -14.13 2.88
N GLY B 69 7.82 -13.58 2.06
CA GLY B 69 9.05 -14.27 1.75
C GLY B 69 8.93 -15.23 0.59
N THR B 70 8.93 -16.53 0.89
CA THR B 70 8.82 -17.57 -0.13
C THR B 70 7.65 -18.51 0.09
N ASP B 71 6.83 -18.29 1.13
CA ASP B 71 5.68 -19.13 1.41
C ASP B 71 4.46 -18.25 1.62
N PHE B 72 3.32 -18.68 1.08
CA PHE B 72 2.08 -17.94 1.21
C PHE B 72 0.94 -18.92 1.47
N THR B 73 -0.11 -18.42 2.11
CA THR B 73 -1.20 -19.27 2.56
C THR B 73 -2.54 -18.57 2.34
N LEU B 74 -3.53 -19.32 1.87
CA LEU B 74 -4.89 -18.86 1.75
C LEU B 74 -5.75 -19.60 2.77
N THR B 75 -6.58 -18.85 3.51
CA THR B 75 -7.37 -19.41 4.59
C THR B 75 -8.85 -19.15 4.33
N ILE B 76 -9.67 -20.18 4.49
CA ILE B 76 -11.12 -20.09 4.34
C ILE B 76 -11.74 -20.54 5.66
N SER B 77 -12.54 -19.65 6.27
CA SER B 77 -13.09 -19.92 7.59
C SER B 77 -14.13 -21.03 7.53
N ARG B 78 -15.09 -20.92 6.62
CA ARG B 78 -16.16 -21.89 6.47
C ARG B 78 -16.30 -22.28 5.01
N LEU B 79 -16.65 -23.55 4.77
CA LEU B 79 -16.79 -24.07 3.42
C LEU B 79 -18.28 -24.14 3.06
N GLU B 80 -18.73 -23.20 2.25
CA GLU B 80 -20.08 -23.15 1.71
C GLU B 80 -20.18 -24.00 0.45
N PRO B 81 -21.39 -24.40 0.05
CA PRO B 81 -21.51 -25.29 -1.12
C PRO B 81 -21.00 -24.68 -2.42
N GLU B 82 -20.90 -23.36 -2.51
CA GLU B 82 -20.41 -22.70 -3.71
C GLU B 82 -18.92 -22.37 -3.64
N ASP B 83 -18.22 -22.86 -2.61
CA ASP B 83 -16.80 -22.60 -2.43
C ASP B 83 -15.93 -23.79 -2.80
N PHE B 84 -16.42 -24.70 -3.63
CA PHE B 84 -15.66 -25.88 -4.05
C PHE B 84 -15.27 -25.70 -5.51
N ALA B 85 -13.99 -25.42 -5.75
CA ALA B 85 -13.47 -25.17 -7.08
C ALA B 85 -11.95 -25.27 -7.02
N VAL B 86 -11.28 -24.92 -8.12
CA VAL B 86 -9.83 -24.97 -8.21
C VAL B 86 -9.28 -23.58 -7.93
N TYR B 87 -8.10 -23.53 -7.31
CA TYR B 87 -7.46 -22.28 -6.92
C TYR B 87 -6.05 -22.20 -7.50
N TYR B 88 -5.67 -20.99 -7.91
CA TYR B 88 -4.36 -20.74 -8.50
C TYR B 88 -3.71 -19.55 -7.83
N CYS B 89 -2.38 -19.54 -7.83
CA CYS B 89 -1.60 -18.38 -7.38
C CYS B 89 -0.69 -17.92 -8.51
N GLN B 90 -0.49 -16.60 -8.59
CA GLN B 90 0.34 -16.01 -9.62
C GLN B 90 1.31 -15.01 -8.98
N GLN B 91 2.37 -14.69 -9.71
CA GLN B 91 3.34 -13.69 -9.27
C GLN B 91 3.78 -12.87 -10.48
N HIS B 92 4.12 -11.61 -10.21
CA HIS B 92 4.69 -10.76 -11.25
C HIS B 92 5.90 -9.99 -10.73
N ASP B 93 6.65 -10.59 -9.81
CA ASP B 93 7.93 -10.01 -9.41
C ASP B 93 8.96 -10.12 -10.53
N THR B 94 9.07 -11.30 -11.14
CA THR B 94 9.96 -11.52 -12.28
C THR B 94 9.16 -12.31 -13.32
N SER B 95 8.72 -11.61 -14.37
CA SER B 95 7.80 -12.16 -15.36
C SER B 95 6.50 -12.59 -14.68
N LEU B 96 5.63 -13.30 -15.41
CA LEU B 96 4.35 -13.73 -14.88
C LEU B 96 4.24 -15.24 -15.04
N THR B 97 3.90 -15.93 -13.95
CA THR B 97 3.76 -17.37 -13.95
C THR B 97 2.57 -17.77 -13.08
N PHE B 98 2.01 -18.94 -13.37
CA PHE B 98 0.90 -19.50 -12.62
C PHE B 98 1.32 -20.79 -11.94
N GLY B 99 0.57 -21.16 -10.90
CA GLY B 99 0.81 -22.39 -10.19
C GLY B 99 0.04 -23.58 -10.77
N GLY B 100 0.33 -24.75 -10.23
CA GLY B 100 -0.32 -25.96 -10.73
C GLY B 100 -1.81 -26.00 -10.45
N GLY B 101 -2.21 -25.63 -9.24
CA GLY B 101 -3.62 -25.63 -8.90
C GLY B 101 -3.98 -26.63 -7.82
N THR B 102 -4.85 -26.21 -6.89
CA THR B 102 -5.35 -27.07 -5.83
C THR B 102 -6.86 -27.19 -5.96
N LYS B 103 -7.36 -28.42 -5.90
CA LYS B 103 -8.78 -28.70 -6.04
C LYS B 103 -9.38 -29.07 -4.69
N VAL B 104 -10.53 -28.48 -4.38
CA VAL B 104 -11.25 -28.75 -3.14
C VAL B 104 -12.52 -29.50 -3.48
N GLU B 105 -12.75 -30.62 -2.80
CA GLU B 105 -13.87 -31.51 -3.10
C GLU B 105 -14.67 -31.78 -1.84
N ILE B 106 -15.92 -32.20 -2.03
CA ILE B 106 -16.78 -32.56 -0.91
C ILE B 106 -16.44 -33.96 -0.44
N LYS B 107 -16.35 -34.15 0.87
CA LYS B 107 -15.98 -35.43 1.46
C LYS B 107 -17.23 -36.24 1.77
N ARG B 108 -17.15 -37.54 1.51
CA ARG B 108 -18.27 -38.45 1.69
C ARG B 108 -17.75 -39.81 2.11
N THR B 109 -18.61 -40.58 2.76
CA THR B 109 -18.26 -41.94 3.16
C THR B 109 -18.04 -42.82 1.94
N VAL B 110 -17.29 -43.91 2.13
CA VAL B 110 -16.96 -44.80 1.03
C VAL B 110 -18.23 -45.47 0.50
N ALA B 111 -18.35 -45.51 -0.82
CA ALA B 111 -19.45 -46.19 -1.50
C ALA B 111 -18.89 -47.33 -2.33
N ALA B 112 -19.80 -48.08 -2.97
CA ALA B 112 -19.43 -49.22 -3.77
C ALA B 112 -19.99 -49.07 -5.17
N PRO B 113 -19.15 -49.08 -6.21
CA PRO B 113 -19.64 -48.98 -7.59
C PRO B 113 -20.27 -50.29 -8.04
N SER B 114 -21.42 -50.21 -8.70
CA SER B 114 -22.09 -51.37 -9.27
C SER B 114 -21.58 -51.56 -10.70
N VAL B 115 -20.76 -52.57 -10.91
CA VAL B 115 -20.13 -52.80 -12.20
C VAL B 115 -21.12 -53.45 -13.15
N PHE B 116 -21.19 -52.94 -14.37
CA PHE B 116 -22.00 -53.53 -15.44
C PHE B 116 -21.11 -53.81 -16.63
N ILE B 117 -21.68 -54.51 -17.62
CA ILE B 117 -20.97 -54.80 -18.86
C ILE B 117 -22.00 -54.90 -19.99
N PHE B 118 -21.57 -54.50 -21.18
CA PHE B 118 -22.44 -54.48 -22.35
C PHE B 118 -21.73 -55.14 -23.53
N PRO B 119 -22.34 -56.15 -24.14
CA PRO B 119 -21.75 -56.77 -25.33
C PRO B 119 -21.82 -55.83 -26.52
N PRO B 120 -20.94 -56.00 -27.51
CA PRO B 120 -20.97 -55.12 -28.69
C PRO B 120 -22.30 -55.23 -29.43
N SER B 121 -22.73 -54.09 -29.98
CA SER B 121 -23.97 -54.04 -30.74
C SER B 121 -23.79 -54.73 -32.10
N ASP B 122 -24.92 -55.05 -32.72
CA ASP B 122 -24.90 -55.77 -34.00
C ASP B 122 -24.30 -54.90 -35.10
N GLU B 123 -24.68 -53.62 -35.14
CA GLU B 123 -24.23 -52.74 -36.22
C GLU B 123 -22.72 -52.55 -36.22
N GLN B 124 -22.08 -52.66 -35.05
CA GLN B 124 -20.62 -52.56 -35.01
C GLN B 124 -19.95 -53.70 -35.77
N LEU B 125 -20.56 -54.88 -35.74
CA LEU B 125 -20.04 -56.00 -36.53
C LEU B 125 -20.12 -55.69 -38.02
N LYS B 126 -21.20 -55.04 -38.45
CA LYS B 126 -21.29 -54.59 -39.83
C LYS B 126 -20.22 -53.55 -40.13
N SER B 127 -19.98 -52.63 -39.20
CA SER B 127 -18.99 -51.57 -39.40
C SER B 127 -17.56 -52.05 -39.24
N GLY B 128 -17.35 -53.28 -38.79
CA GLY B 128 -16.01 -53.81 -38.62
C GLY B 128 -15.19 -53.15 -37.54
N THR B 129 -15.82 -52.75 -36.44
CA THR B 129 -15.11 -52.18 -35.30
C THR B 129 -15.79 -52.65 -34.01
N ALA B 130 -14.98 -53.14 -33.09
CA ALA B 130 -15.48 -53.75 -31.86
C ALA B 130 -15.28 -52.77 -30.70
N SER B 131 -16.33 -52.58 -29.91
CA SER B 131 -16.30 -51.70 -28.75
C SER B 131 -17.12 -52.32 -27.64
N VAL B 132 -16.50 -52.50 -26.48
CA VAL B 132 -17.16 -53.05 -25.30
C VAL B 132 -16.93 -52.07 -24.14
N VAL B 133 -18.00 -51.79 -23.40
CA VAL B 133 -17.97 -50.77 -22.35
C VAL B 133 -18.20 -51.44 -21.01
N CYS B 134 -17.35 -51.08 -20.04
CA CYS B 134 -17.46 -51.55 -18.66
C CYS B 134 -17.92 -50.36 -17.82
N LEU B 135 -19.24 -50.18 -17.76
CA LEU B 135 -19.83 -49.06 -17.03
C LEU B 135 -19.72 -49.28 -15.52
N LEU B 136 -19.51 -48.19 -14.79
CA LEU B 136 -19.43 -48.20 -13.34
C LEU B 136 -20.51 -47.30 -12.77
N ASN B 137 -21.10 -47.70 -11.65
CA ASN B 137 -22.11 -46.90 -10.97
C ASN B 137 -21.45 -45.99 -9.94
N ASN B 138 -22.26 -45.39 -9.08
CA ASN B 138 -21.78 -44.36 -8.17
C ASN B 138 -20.76 -44.91 -7.17
N PHE B 139 -19.76 -44.08 -6.86
CA PHE B 139 -18.72 -44.39 -5.90
C PHE B 139 -17.99 -43.10 -5.54
N TYR B 140 -17.65 -42.95 -4.26
CA TYR B 140 -17.04 -41.69 -3.83
C TYR B 140 -15.56 -41.57 -4.21
N PRO B 141 -14.67 -42.48 -3.75
CA PRO B 141 -13.24 -42.25 -3.95
C PRO B 141 -12.85 -42.20 -5.42
N ARG B 142 -12.23 -41.10 -5.84
CA ARG B 142 -11.84 -40.94 -7.23
C ARG B 142 -10.85 -42.01 -7.66
N GLU B 143 -9.91 -42.36 -6.78
CA GLU B 143 -8.87 -43.33 -7.12
C GLU B 143 -9.48 -44.71 -7.33
N ALA B 144 -9.52 -45.14 -8.59
CA ALA B 144 -10.02 -46.47 -8.94
C ALA B 144 -9.23 -46.98 -10.13
N LYS B 145 -9.20 -48.30 -10.27
CA LYS B 145 -8.44 -48.96 -11.33
C LYS B 145 -9.30 -49.99 -12.02
N VAL B 146 -9.20 -50.04 -13.35
CA VAL B 146 -9.89 -51.02 -14.17
C VAL B 146 -8.88 -51.67 -15.10
N GLN B 147 -9.22 -52.88 -15.56
CA GLN B 147 -8.31 -53.62 -16.43
C GLN B 147 -9.13 -54.64 -17.20
N TRP B 148 -8.96 -54.67 -18.53
CA TRP B 148 -9.69 -55.60 -19.37
C TRP B 148 -8.97 -56.95 -19.41
N LYS B 149 -9.70 -58.02 -19.17
CA LYS B 149 -9.18 -59.38 -19.23
C LYS B 149 -9.76 -60.09 -20.45
N VAL B 150 -8.89 -60.55 -21.34
CA VAL B 150 -9.28 -61.28 -22.53
C VAL B 150 -8.82 -62.72 -22.37
N ASP B 151 -9.78 -63.63 -22.22
CA ASP B 151 -9.48 -65.05 -21.97
C ASP B 151 -8.54 -65.18 -20.77
N ASN B 152 -7.27 -65.44 -21.03
CA ASN B 152 -6.25 -65.50 -19.99
C ASN B 152 -5.21 -64.41 -20.13
N ALA B 153 -5.29 -63.59 -21.18
CA ALA B 153 -4.28 -62.56 -21.46
C ALA B 153 -4.87 -61.17 -21.22
N LEU B 154 -4.10 -60.32 -20.56
CA LEU B 154 -4.52 -58.95 -20.31
C LEU B 154 -4.26 -58.09 -21.54
N GLN B 155 -4.66 -56.82 -21.44
CA GLN B 155 -4.50 -55.87 -22.52
C GLN B 155 -3.93 -54.57 -21.97
N SER B 156 -3.20 -53.84 -22.83
CA SER B 156 -2.60 -52.57 -22.44
C SER B 156 -2.44 -51.69 -23.68
N GLY B 157 -2.59 -50.39 -23.49
CA GLY B 157 -2.38 -49.44 -24.56
C GLY B 157 -3.42 -49.45 -25.65
N ASN B 158 -4.60 -50.02 -25.40
CA ASN B 158 -5.66 -50.06 -26.39
C ASN B 158 -7.00 -49.74 -25.74
N SER B 159 -6.98 -48.87 -24.72
CA SER B 159 -8.19 -48.49 -24.02
C SER B 159 -8.04 -47.08 -23.49
N GLN B 160 -9.19 -46.44 -23.23
CA GLN B 160 -9.20 -45.11 -22.64
C GLN B 160 -10.46 -44.97 -21.79
N GLU B 161 -10.35 -44.16 -20.74
CA GLU B 161 -11.39 -44.04 -19.74
C GLU B 161 -11.73 -42.58 -19.49
N SER B 162 -12.99 -42.33 -19.12
CA SER B 162 -13.48 -41.00 -18.81
C SER B 162 -14.27 -41.04 -17.50
N VAL B 163 -14.20 -39.93 -16.76
CA VAL B 163 -14.83 -39.81 -15.45
C VAL B 163 -15.66 -38.53 -15.41
N THR B 164 -16.85 -38.63 -14.83
CA THR B 164 -17.73 -37.47 -14.73
C THR B 164 -17.36 -36.61 -13.53
N GLU B 165 -18.11 -35.52 -13.36
CA GLU B 165 -17.91 -34.62 -12.24
C GLU B 165 -18.58 -35.15 -10.98
N GLN B 166 -18.24 -34.54 -9.85
CA GLN B 166 -18.85 -34.90 -8.58
C GLN B 166 -20.25 -34.31 -8.50
N ASP B 167 -21.26 -35.16 -8.65
CA ASP B 167 -22.64 -34.70 -8.64
C ASP B 167 -23.03 -34.22 -7.25
N SER B 168 -23.75 -33.11 -7.19
CA SER B 168 -24.15 -32.52 -5.92
C SER B 168 -25.25 -33.30 -5.23
N LYS B 169 -25.95 -34.19 -5.95
CA LYS B 169 -27.05 -34.92 -5.35
C LYS B 169 -26.55 -35.91 -4.30
N ASP B 170 -25.46 -36.63 -4.60
CA ASP B 170 -24.99 -37.67 -3.69
C ASP B 170 -23.47 -37.66 -3.49
N SER B 171 -22.75 -36.72 -4.08
CA SER B 171 -21.30 -36.62 -3.94
C SER B 171 -20.60 -37.91 -4.33
N THR B 172 -20.99 -38.45 -5.49
CA THR B 172 -20.42 -39.68 -6.01
C THR B 172 -19.94 -39.45 -7.44
N TYR B 173 -19.04 -40.31 -7.88
CA TYR B 173 -18.46 -40.23 -9.21
C TYR B 173 -18.92 -41.41 -10.05
N SER B 174 -18.75 -41.27 -11.36
CA SER B 174 -19.05 -42.33 -12.31
C SER B 174 -17.87 -42.49 -13.25
N LEU B 175 -17.65 -43.72 -13.70
CA LEU B 175 -16.50 -44.04 -14.55
C LEU B 175 -16.97 -44.85 -15.74
N SER B 176 -16.25 -44.70 -16.85
CA SER B 176 -16.52 -45.44 -18.06
C SER B 176 -15.22 -45.94 -18.65
N SER B 177 -15.31 -47.01 -19.44
CA SER B 177 -14.14 -47.58 -20.08
C SER B 177 -14.57 -48.22 -21.40
N THR B 178 -13.60 -48.41 -22.29
CA THR B 178 -13.87 -48.98 -23.60
C THR B 178 -12.63 -49.68 -24.11
N LEU B 179 -12.78 -50.94 -24.49
CA LEU B 179 -11.68 -51.72 -25.07
C LEU B 179 -11.77 -51.64 -26.59
N THR B 180 -10.67 -51.26 -27.23
CA THR B 180 -10.64 -51.06 -28.67
C THR B 180 -10.15 -52.33 -29.36
N LEU B 181 -10.99 -52.90 -30.21
CA LEU B 181 -10.66 -54.12 -30.94
C LEU B 181 -11.35 -54.09 -32.30
N SER B 182 -10.89 -54.97 -33.19
CA SER B 182 -11.46 -55.10 -34.52
C SER B 182 -12.17 -56.43 -34.66
N LYS B 183 -12.95 -56.57 -35.73
CA LYS B 183 -13.66 -57.82 -35.98
C LYS B 183 -12.71 -58.97 -36.25
N ALA B 184 -11.50 -58.69 -36.75
CA ALA B 184 -10.52 -59.75 -37.00
C ALA B 184 -9.97 -60.34 -35.71
N ASP B 185 -10.09 -59.62 -34.59
CA ASP B 185 -9.60 -60.10 -33.30
C ASP B 185 -10.70 -60.39 -32.29
N TYR B 186 -11.90 -59.82 -32.46
CA TYR B 186 -12.98 -60.07 -31.51
C TYR B 186 -13.46 -61.52 -31.58
N GLU B 187 -13.57 -62.07 -32.78
CA GLU B 187 -14.03 -63.45 -32.92
C GLU B 187 -12.99 -64.43 -32.39
N LYS B 188 -11.71 -64.12 -32.52
CA LYS B 188 -10.66 -65.01 -32.01
C LYS B 188 -10.74 -65.16 -30.50
N HIS B 189 -11.01 -64.07 -29.80
CA HIS B 189 -11.07 -64.10 -28.35
C HIS B 189 -12.28 -64.90 -27.88
N LYS B 190 -12.16 -65.48 -26.68
CA LYS B 190 -13.17 -66.36 -26.12
C LYS B 190 -13.86 -65.75 -24.90
N VAL B 191 -13.10 -65.34 -23.89
CA VAL B 191 -13.64 -64.84 -22.64
C VAL B 191 -13.27 -63.36 -22.50
N TYR B 192 -14.28 -62.51 -22.26
CA TYR B 192 -14.09 -61.09 -22.04
C TYR B 192 -14.49 -60.79 -20.60
N ALA B 193 -13.57 -60.19 -19.85
CA ALA B 193 -13.81 -59.85 -18.45
C ALA B 193 -13.32 -58.45 -18.15
N CYS B 194 -13.97 -57.81 -17.19
CA CYS B 194 -13.59 -56.48 -16.72
C CYS B 194 -13.19 -56.57 -15.25
N GLU B 195 -11.95 -56.17 -14.95
CA GLU B 195 -11.41 -56.26 -13.60
C GLU B 195 -11.55 -54.92 -12.90
N VAL B 196 -12.11 -54.95 -11.69
CA VAL B 196 -12.35 -53.75 -10.90
C VAL B 196 -11.68 -53.90 -9.55
N THR B 197 -10.88 -52.92 -9.16
CA THR B 197 -10.22 -52.88 -7.86
C THR B 197 -10.54 -51.56 -7.18
N HIS B 198 -11.10 -51.63 -5.98
CA HIS B 198 -11.46 -50.42 -5.25
C HIS B 198 -11.48 -50.72 -3.76
N GLN B 199 -11.38 -49.64 -2.97
CA GLN B 199 -11.51 -49.77 -1.52
C GLN B 199 -12.91 -50.21 -1.13
N GLY B 200 -13.93 -49.68 -1.81
CA GLY B 200 -15.31 -50.05 -1.50
C GLY B 200 -15.62 -51.50 -1.76
N LEU B 201 -14.84 -52.16 -2.61
CA LEU B 201 -15.00 -53.58 -2.88
C LEU B 201 -13.95 -54.35 -2.09
N SER B 202 -14.39 -55.26 -1.23
CA SER B 202 -13.45 -56.05 -0.43
C SER B 202 -12.56 -56.91 -1.32
N SER B 203 -13.14 -57.51 -2.35
CA SER B 203 -12.42 -58.31 -3.32
C SER B 203 -12.74 -57.84 -4.72
N PRO B 204 -11.84 -58.03 -5.68
CA PRO B 204 -12.11 -57.60 -7.05
C PRO B 204 -13.38 -58.25 -7.60
N VAL B 205 -14.22 -57.44 -8.23
CA VAL B 205 -15.46 -57.91 -8.82
C VAL B 205 -15.25 -57.94 -10.33
N THR B 206 -14.90 -59.11 -10.85
CA THR B 206 -14.58 -59.26 -12.27
C THR B 206 -15.74 -59.96 -12.97
N LYS B 207 -16.71 -59.14 -13.39
CA LYS B 207 -17.80 -59.67 -14.20
C LYS B 207 -17.32 -59.98 -15.61
N SER B 208 -18.03 -60.88 -16.28
CA SER B 208 -17.62 -61.34 -17.59
C SER B 208 -18.83 -61.88 -18.33
N PHE B 209 -18.67 -62.04 -19.64
CA PHE B 209 -19.70 -62.64 -20.47
C PHE B 209 -19.02 -63.46 -21.57
N ASN B 210 -19.65 -64.57 -21.93
CA ASN B 210 -19.06 -65.48 -22.90
C ASN B 210 -19.08 -64.86 -24.29
N ARG B 211 -18.25 -65.42 -25.18
CA ARG B 211 -18.19 -64.95 -26.56
C ARG B 211 -19.55 -65.14 -27.23
N GLY B 212 -19.98 -64.11 -27.94
CA GLY B 212 -21.27 -64.15 -28.62
C GLY B 212 -22.45 -64.00 -27.67
N GLU C 1 48.41 17.38 11.57
CA GLU C 1 47.89 16.79 12.81
C GLU C 1 46.50 17.33 13.11
N VAL C 2 45.65 16.50 13.72
CA VAL C 2 44.27 16.84 14.04
C VAL C 2 44.24 17.46 15.43
N GLN C 3 43.78 18.71 15.50
CA GLN C 3 43.68 19.43 16.76
C GLN C 3 42.54 20.43 16.69
N LEU C 4 42.07 20.86 17.87
CA LEU C 4 41.04 21.89 17.98
C LEU C 4 41.38 22.72 19.23
N VAL C 5 41.91 23.92 18.99
CA VAL C 5 42.34 24.80 20.08
C VAL C 5 41.27 25.86 20.29
N GLU C 6 40.90 26.09 21.54
CA GLU C 6 39.84 27.01 21.90
C GLU C 6 40.40 28.20 22.67
N SER C 7 39.79 29.37 22.48
CA SER C 7 40.21 30.57 23.17
C SER C 7 39.07 31.58 23.14
N GLY C 8 38.97 32.39 24.19
CA GLY C 8 37.96 33.43 24.24
C GLY C 8 37.27 33.57 25.57
N GLY C 9 37.67 32.75 26.55
CA GLY C 9 37.05 32.81 27.85
C GLY C 9 37.40 34.08 28.61
N GLY C 10 36.60 34.36 29.63
CA GLY C 10 36.84 35.53 30.45
C GLY C 10 35.73 35.73 31.46
N LEU C 11 35.77 36.87 32.12
CA LEU C 11 34.77 37.25 33.12
C LEU C 11 33.94 38.42 32.57
N VAL C 12 32.63 38.25 32.57
CA VAL C 12 31.72 39.26 32.04
C VAL C 12 30.58 39.48 33.03
N GLN C 13 30.02 40.69 32.99
CA GLN C 13 28.88 41.03 33.83
C GLN C 13 27.60 40.42 33.28
N PRO C 14 26.59 40.21 34.12
CA PRO C 14 25.29 39.78 33.60
C PRO C 14 24.75 40.78 32.59
N GLY C 15 24.14 40.23 31.53
CA GLY C 15 23.72 41.06 30.41
C GLY C 15 24.80 41.38 29.42
N GLY C 16 26.02 40.88 29.62
CA GLY C 16 27.11 41.16 28.70
C GLY C 16 27.12 40.22 27.51
N SER C 17 28.10 40.45 26.63
CA SER C 17 28.26 39.67 25.41
C SER C 17 29.69 39.17 25.32
N LEU C 18 29.86 37.92 24.89
CA LEU C 18 31.18 37.32 24.74
C LEU C 18 31.21 36.47 23.48
N ARG C 19 32.39 36.37 22.88
CA ARG C 19 32.60 35.61 21.65
C ARG C 19 33.69 34.58 21.88
N LEU C 20 33.40 33.33 21.53
CA LEU C 20 34.34 32.24 21.68
C LEU C 20 34.82 31.78 20.31
N SER C 21 36.08 31.36 20.26
CA SER C 21 36.71 30.92 19.02
C SER C 21 37.31 29.53 19.22
N CYS C 22 37.36 28.77 18.13
CA CYS C 22 37.88 27.41 18.16
C CYS C 22 38.45 27.10 16.79
N ALA C 23 39.77 27.18 16.66
CA ALA C 23 40.45 26.93 15.40
C ALA C 23 40.53 25.42 15.15
N ALA C 24 41.18 25.06 14.05
CA ALA C 24 41.30 23.66 13.67
C ALA C 24 42.59 23.43 12.91
N SER C 25 43.07 22.20 12.93
CA SER C 25 44.22 21.77 12.14
C SER C 25 43.90 20.44 11.49
N GLU C 26 44.15 20.36 10.18
CA GLU C 26 43.88 19.18 9.36
C GLU C 26 42.38 19.00 9.14
N PHE C 27 41.57 19.82 9.81
CA PHE C 27 40.15 19.85 9.59
C PHE C 27 39.79 21.00 8.64
N ILE C 28 38.55 20.98 8.17
CA ILE C 28 37.95 22.12 7.49
C ILE C 28 36.59 22.35 8.13
N VAL C 29 36.46 23.43 8.90
CA VAL C 29 35.26 23.65 9.70
C VAL C 29 34.03 23.80 8.84
N SER C 30 34.19 24.16 7.57
CA SER C 30 33.07 24.30 6.65
C SER C 30 32.71 23.00 5.95
N TYR C 31 33.44 21.92 6.21
CA TYR C 31 33.15 20.62 5.62
C TYR C 31 32.65 19.59 6.62
N ASN C 32 32.63 19.91 7.91
CA ASN C 32 32.29 18.95 8.95
C ASN C 32 31.21 19.49 9.86
N TYR C 33 30.39 18.58 10.38
CA TYR C 33 29.45 18.93 11.44
C TYR C 33 30.22 19.38 12.66
N MET C 34 29.81 20.50 13.24
CA MET C 34 30.46 21.04 14.44
C MET C 34 29.40 21.38 15.48
N SER C 35 29.76 21.18 16.75
CA SER C 35 28.81 21.35 17.84
C SER C 35 29.50 22.03 19.02
N TRP C 36 28.69 22.65 19.87
CA TRP C 36 29.14 23.26 21.11
C TRP C 36 28.44 22.57 22.26
N VAL C 37 29.22 22.14 23.26
CA VAL C 37 28.70 21.50 24.46
C VAL C 37 29.28 22.21 25.66
N ARG C 38 28.44 22.58 26.62
CA ARG C 38 28.87 23.23 27.84
C ARG C 38 28.66 22.30 29.03
N GLN C 39 29.54 22.43 30.02
CA GLN C 39 29.51 21.62 31.23
C GLN C 39 29.64 22.55 32.42
N ALA C 40 28.54 22.82 33.10
CA ALA C 40 28.58 23.65 34.29
C ALA C 40 29.33 22.92 35.41
N PRO C 41 29.99 23.67 36.29
CA PRO C 41 30.74 23.03 37.38
C PRO C 41 29.83 22.19 38.27
N GLY C 42 30.17 20.90 38.39
CA GLY C 42 29.38 19.99 39.19
C GLY C 42 28.11 19.51 38.54
N LYS C 43 27.99 19.65 37.22
CA LYS C 43 26.80 19.25 36.49
C LYS C 43 27.19 18.42 35.29
N GLY C 44 26.19 17.81 34.67
CA GLY C 44 26.42 17.01 33.48
C GLY C 44 26.53 17.84 32.22
N LEU C 45 26.95 17.18 31.16
CA LEU C 45 27.12 17.84 29.87
C LEU C 45 25.75 18.22 29.29
N GLU C 46 25.71 19.36 28.60
CA GLU C 46 24.50 19.83 27.95
C GLU C 46 24.83 20.31 26.55
N TRP C 47 24.06 19.86 25.57
CA TRP C 47 24.26 20.30 24.19
C TRP C 47 23.74 21.73 24.02
N VAL C 48 24.44 22.51 23.22
CA VAL C 48 24.13 23.92 23.01
C VAL C 48 23.68 24.19 21.57
N SER C 49 24.55 23.91 20.60
CA SER C 49 24.23 24.20 19.20
C SER C 49 25.02 23.27 18.30
N VAL C 50 24.57 23.17 17.05
CA VAL C 50 25.22 22.35 16.02
C VAL C 50 25.05 23.05 14.68
N ILE C 51 26.11 23.01 13.87
CA ILE C 51 26.09 23.59 12.53
C ILE C 51 26.38 22.49 11.52
N TYR C 52 25.67 22.53 10.41
CA TYR C 52 25.80 21.55 9.34
C TYR C 52 26.79 22.02 8.29
N PRO C 53 27.33 21.09 7.49
CA PRO C 53 28.22 21.52 6.40
C PRO C 53 27.54 22.45 5.41
N GLY C 54 26.24 22.29 5.18
CA GLY C 54 25.52 23.18 4.29
C GLY C 54 25.24 24.54 4.87
N GLY C 55 25.22 24.66 6.20
CA GLY C 55 25.06 25.95 6.83
C GLY C 55 23.93 26.03 7.83
N SER C 56 23.15 24.96 7.98
CA SER C 56 22.02 24.96 8.89
C SER C 56 22.51 25.02 10.34
N THR C 57 21.69 25.64 11.19
CA THR C 57 22.01 25.81 12.60
C THR C 57 20.84 25.37 13.46
N PHE C 58 21.15 24.74 14.59
CA PHE C 58 20.15 24.29 15.54
C PHE C 58 20.61 24.65 16.94
N TYR C 59 19.65 25.02 17.80
CA TYR C 59 19.97 25.47 19.15
C TYR C 59 19.05 24.78 20.15
N ALA C 60 19.53 24.68 21.38
CA ALA C 60 18.72 24.17 22.47
C ALA C 60 17.73 25.23 22.93
N ASP C 61 16.65 24.77 23.56
CA ASP C 61 15.59 25.68 24.00
C ASP C 61 16.11 26.66 25.06
N SER C 62 16.95 26.18 25.97
CA SER C 62 17.44 27.03 27.05
C SER C 62 18.30 28.18 26.54
N VAL C 63 18.90 28.03 25.36
CA VAL C 63 19.77 29.05 24.79
C VAL C 63 19.27 29.56 23.45
N LYS C 64 18.04 29.21 23.08
CA LYS C 64 17.50 29.67 21.81
C LYS C 64 17.17 31.16 21.89
N GLY C 65 17.55 31.90 20.85
CA GLY C 65 17.29 33.32 20.78
C GLY C 65 18.34 34.20 21.39
N ARG C 66 19.36 33.63 22.04
CA ARG C 66 20.44 34.40 22.65
C ARG C 66 21.82 34.06 22.11
N PHE C 67 22.03 32.84 21.65
CA PHE C 67 23.32 32.40 21.15
C PHE C 67 23.31 32.28 19.64
N THR C 68 24.50 32.33 19.04
CA THR C 68 24.65 32.21 17.59
C THR C 68 25.95 31.51 17.28
N ILE C 69 25.91 30.57 16.34
CA ILE C 69 27.08 29.81 15.94
C ILE C 69 27.41 30.16 14.49
N SER C 70 28.68 30.46 14.23
CA SER C 70 29.12 30.89 12.92
C SER C 70 30.53 30.35 12.66
N ARG C 71 31.00 30.54 11.43
CA ARG C 71 32.30 30.05 11.02
C ARG C 71 32.91 30.99 9.99
N ASP C 72 34.23 30.94 9.88
CA ASP C 72 34.99 31.70 8.90
C ASP C 72 35.85 30.72 8.12
N ASN C 73 35.63 30.64 6.81
CA ASN C 73 36.40 29.73 5.98
C ASN C 73 37.83 30.23 5.75
N SER C 74 38.01 31.55 5.67
CA SER C 74 39.34 32.09 5.42
C SER C 74 40.29 31.79 6.57
N MET C 75 39.82 31.91 7.81
CA MET C 75 40.63 31.66 8.98
C MET C 75 40.49 30.25 9.52
N ASN C 76 39.54 29.46 9.01
CA ASN C 76 39.29 28.10 9.47
C ASN C 76 39.04 28.07 10.98
N THR C 77 38.02 28.82 11.39
CA THR C 77 37.70 28.98 12.80
C THR C 77 36.19 28.92 12.99
N LEU C 78 35.77 28.31 14.09
CA LEU C 78 34.37 28.21 14.46
C LEU C 78 34.08 29.16 15.61
N PHE C 79 33.06 29.99 15.45
CA PHE C 79 32.73 31.03 16.41
C PHE C 79 31.45 30.70 17.15
N LEU C 80 31.38 31.12 18.41
CA LEU C 80 30.15 31.14 19.19
C LEU C 80 29.95 32.54 19.74
N GLN C 81 28.78 33.11 19.48
CA GLN C 81 28.43 34.45 19.96
C GLN C 81 27.35 34.31 21.04
N MET C 82 27.67 34.79 22.23
CA MET C 82 26.77 34.71 23.37
C MET C 82 26.29 36.09 23.76
N ASN C 83 24.97 36.25 23.86
CA ASN C 83 24.37 37.53 24.20
C ASN C 83 23.37 37.34 25.33
N SER C 84 23.14 38.42 26.08
CA SER C 84 22.19 38.43 27.19
C SER C 84 22.51 37.32 28.19
N LEU C 85 23.78 37.21 28.53
CA LEU C 85 24.23 36.16 29.44
C LEU C 85 23.61 36.32 30.81
N ARG C 86 23.19 35.20 31.39
CA ARG C 86 22.58 35.14 32.70
C ARG C 86 23.54 34.47 33.68
N ALA C 87 23.08 34.25 34.91
CA ALA C 87 23.92 33.59 35.89
C ALA C 87 23.98 32.08 35.65
N GLU C 88 23.06 31.53 34.87
CA GLU C 88 22.99 30.10 34.63
C GLU C 88 23.87 29.65 33.46
N ASP C 89 24.55 30.57 32.77
CA ASP C 89 25.37 30.20 31.63
C ASP C 89 26.83 29.93 32.00
N THR C 90 27.17 29.92 33.28
CA THR C 90 28.55 29.66 33.70
C THR C 90 28.90 28.20 33.46
N ALA C 91 29.83 27.95 32.54
CA ALA C 91 30.20 26.59 32.17
C ALA C 91 31.48 26.62 31.36
N VAL C 92 31.99 25.42 31.06
CA VAL C 92 33.15 25.23 30.20
C VAL C 92 32.65 24.73 28.85
N TYR C 93 32.98 25.47 27.79
CA TYR C 93 32.43 25.22 26.46
C TYR C 93 33.43 24.43 25.62
N TYR C 94 32.93 23.41 24.93
CA TYR C 94 33.75 22.53 24.11
C TYR C 94 33.26 22.58 22.67
N CYS C 95 34.21 22.52 21.72
CA CYS C 95 33.93 22.40 20.31
C CYS C 95 34.35 21.01 19.84
N ALA C 96 33.45 20.32 19.14
CA ALA C 96 33.67 18.94 18.76
C ALA C 96 33.19 18.70 17.33
N ARG C 97 33.72 17.65 16.71
CA ARG C 97 33.27 17.22 15.40
C ARG C 97 32.27 16.08 15.54
N VAL C 98 31.25 16.09 14.69
CA VAL C 98 30.17 15.11 14.74
C VAL C 98 30.15 14.33 13.43
N LEU C 99 30.10 13.01 13.53
CA LEU C 99 30.00 12.14 12.36
C LEU C 99 28.63 11.52 12.30
N PRO C 100 27.85 11.76 11.24
CA PRO C 100 26.51 11.17 11.15
C PRO C 100 26.50 9.78 10.53
N ILE C 101 27.65 9.11 10.51
CA ILE C 101 27.76 7.82 9.82
C ILE C 101 26.76 6.82 10.40
N ASN C 102 26.89 6.47 11.67
CA ASN C 102 25.98 5.55 12.36
C ASN C 102 25.48 6.28 13.61
N GLY C 103 24.44 7.08 13.43
CA GLY C 103 24.03 8.01 14.47
C GLY C 103 25.01 9.17 14.53
N TYR C 104 24.73 10.09 15.44
CA TYR C 104 25.60 11.22 15.69
C TYR C 104 26.50 10.94 16.89
N TYR C 105 27.80 10.96 16.68
CA TYR C 105 28.75 10.81 17.78
C TYR C 105 29.85 11.85 17.64
N LEU C 106 30.42 12.22 18.78
CA LEU C 106 31.44 13.26 18.88
C LEU C 106 32.78 12.58 19.08
N ASP C 107 33.56 12.44 18.01
CA ASP C 107 34.83 11.73 18.09
C ASP C 107 35.94 12.61 18.64
N TYR C 108 36.23 13.71 17.96
CA TYR C 108 37.29 14.61 18.40
C TYR C 108 36.71 15.76 19.21
N TRP C 109 37.43 16.14 20.26
CA TRP C 109 37.04 17.23 21.14
C TRP C 109 38.18 18.23 21.20
N GLY C 110 38.06 19.21 22.09
CA GLY C 110 39.10 20.19 22.27
C GLY C 110 39.67 20.18 23.67
N GLN C 111 39.80 21.36 24.29
CA GLN C 111 40.29 21.45 25.65
C GLN C 111 39.33 22.26 26.51
N GLY C 112 38.57 23.15 25.89
CA GLY C 112 37.56 23.89 26.59
C GLY C 112 38.05 25.25 27.06
N THR C 113 37.11 26.19 27.18
CA THR C 113 37.37 27.52 27.70
C THR C 113 36.32 27.84 28.75
N LEU C 114 36.75 28.48 29.84
CA LEU C 114 35.83 28.81 30.92
C LEU C 114 35.19 30.17 30.68
N VAL C 115 33.87 30.23 30.79
CA VAL C 115 33.11 31.47 30.70
C VAL C 115 32.36 31.65 32.00
N THR C 116 32.64 32.75 32.71
CA THR C 116 32.03 33.04 34.00
C THR C 116 31.26 34.34 33.93
N VAL C 117 30.01 34.29 34.37
CA VAL C 117 29.15 35.47 34.44
C VAL C 117 28.83 35.73 35.91
N SER C 118 29.33 36.83 36.44
CA SER C 118 29.13 37.17 37.84
C SER C 118 28.93 38.67 37.98
N SER C 119 28.25 39.07 39.05
CA SER C 119 27.92 40.47 39.28
C SER C 119 29.11 41.29 39.76
N ALA C 120 30.17 40.64 40.25
CA ALA C 120 31.35 41.36 40.72
C ALA C 120 32.21 41.82 39.56
N ASP D 1 11.94 16.50 24.56
CA ASP D 1 10.93 15.46 24.54
C ASP D 1 11.39 14.21 25.28
N ILE D 2 12.44 13.57 24.75
CA ILE D 2 12.93 12.32 25.32
C ILE D 2 13.81 12.63 26.54
N VAL D 3 13.58 11.90 27.62
CA VAL D 3 14.35 12.04 28.85
C VAL D 3 15.07 10.73 29.11
N MET D 4 16.38 10.80 29.31
CA MET D 4 17.20 9.63 29.57
C MET D 4 17.67 9.63 31.01
N THR D 5 17.80 8.44 31.60
CA THR D 5 18.20 8.30 32.99
C THR D 5 19.25 7.19 33.10
N GLN D 6 20.35 7.49 33.75
CA GLN D 6 21.39 6.51 34.04
C GLN D 6 21.20 5.92 35.43
N SER D 7 21.91 4.83 35.69
CA SER D 7 21.81 4.14 36.98
C SER D 7 23.02 3.22 37.16
N PRO D 8 23.67 3.26 38.34
CA PRO D 8 23.33 4.20 39.41
C PRO D 8 24.03 5.54 39.22
N SER D 9 23.83 6.46 40.19
CA SER D 9 24.57 7.71 40.17
C SER D 9 26.03 7.53 40.56
N SER D 10 26.37 6.40 41.16
CA SER D 10 27.75 6.09 41.55
C SER D 10 27.89 4.57 41.57
N LEU D 11 29.13 4.12 41.51
CA LEU D 11 29.43 2.69 41.49
C LEU D 11 30.88 2.51 41.94
N SER D 12 31.22 1.29 42.33
CA SER D 12 32.56 1.01 42.80
C SER D 12 32.93 -0.42 42.45
N ALA D 13 34.24 -0.64 42.31
CA ALA D 13 34.81 -1.95 42.03
C ALA D 13 36.28 -1.90 42.36
N SER D 14 36.82 -3.02 42.85
CA SER D 14 38.19 -3.01 43.36
C SER D 14 39.21 -3.10 42.24
N VAL D 15 39.25 -4.25 41.56
CA VAL D 15 40.19 -4.49 40.46
C VAL D 15 39.83 -5.80 39.79
N GLY D 16 40.00 -5.86 38.47
CA GLY D 16 39.75 -7.11 37.74
C GLY D 16 38.36 -7.66 37.91
N ASP D 17 37.35 -6.80 37.87
CA ASP D 17 35.97 -7.20 38.05
C ASP D 17 35.14 -6.75 36.84
N ARG D 18 33.83 -6.98 36.91
CA ARG D 18 32.90 -6.58 35.87
C ARG D 18 31.93 -5.55 36.44
N VAL D 19 31.56 -4.58 35.60
CA VAL D 19 30.62 -3.55 35.98
C VAL D 19 29.47 -3.55 34.98
N THR D 20 28.41 -2.81 35.33
CA THR D 20 27.24 -2.73 34.47
C THR D 20 26.58 -1.38 34.70
N ILE D 21 26.48 -0.57 33.66
CA ILE D 21 25.83 0.74 33.71
C ILE D 21 24.67 0.74 32.73
N THR D 22 23.49 1.09 33.21
CA THR D 22 22.27 1.09 32.40
C THR D 22 21.77 2.50 32.22
N CYS D 23 21.25 2.80 31.03
CA CYS D 23 20.76 4.11 30.68
C CYS D 23 19.47 3.94 29.88
N ARG D 24 18.33 4.15 30.55
CA ARG D 24 17.02 3.96 29.95
C ARG D 24 16.59 5.20 29.18
N ALA D 25 15.41 5.14 28.58
CA ALA D 25 14.86 6.27 27.84
C ALA D 25 13.36 6.30 28.03
N SER D 26 12.78 7.50 27.94
CA SER D 26 11.34 7.65 28.06
C SER D 26 10.61 7.04 26.86
N GLN D 27 11.24 7.03 25.69
CA GLN D 27 10.68 6.46 24.49
C GLN D 27 11.73 5.59 23.81
N SER D 28 11.26 4.67 22.95
CA SER D 28 12.16 3.82 22.21
C SER D 28 12.98 4.65 21.22
N ILE D 29 14.29 4.44 21.21
CA ILE D 29 15.19 5.20 20.35
C ILE D 29 15.98 4.24 19.47
N ALA D 30 15.45 3.04 19.28
CA ALA D 30 16.05 2.01 18.42
C ALA D 30 17.46 1.72 18.95
N TYR D 31 18.48 1.71 18.11
CA TYR D 31 19.84 1.38 18.52
C TYR D 31 20.76 2.60 18.51
N TYR D 32 20.20 3.80 18.66
CA TYR D 32 20.98 5.05 18.58
C TYR D 32 21.34 5.48 20.00
N LEU D 33 22.49 5.05 20.47
CA LEU D 33 22.99 5.48 21.77
C LEU D 33 24.51 5.41 21.76
N ASN D 34 25.13 6.34 22.49
CA ASN D 34 26.58 6.50 22.51
C ASN D 34 27.07 6.48 23.94
N TRP D 35 28.35 6.13 24.11
CA TRP D 35 28.99 6.07 25.42
C TRP D 35 30.27 6.89 25.40
N TYR D 36 30.51 7.63 26.48
CA TYR D 36 31.65 8.52 26.59
C TYR D 36 32.41 8.26 27.88
N GLN D 37 33.70 8.56 27.88
CA GLN D 37 34.56 8.44 29.06
C GLN D 37 35.15 9.82 29.34
N GLN D 38 34.73 10.43 30.44
CA GLN D 38 35.16 11.78 30.80
C GLN D 38 36.00 11.70 32.07
N LYS D 39 37.31 11.78 31.90
CA LYS D 39 38.21 11.87 33.04
C LYS D 39 38.21 13.30 33.58
N PRO D 40 38.52 13.49 34.86
CA PRO D 40 38.42 14.82 35.45
C PRO D 40 39.35 15.82 34.76
N GLY D 41 38.84 17.03 34.55
CA GLY D 41 39.63 18.14 34.09
C GLY D 41 39.91 18.21 32.60
N LYS D 42 39.36 17.29 31.80
CA LYS D 42 39.64 17.31 30.37
C LYS D 42 38.42 16.79 29.61
N ALA D 43 38.54 16.79 28.29
CA ALA D 43 37.41 16.48 27.43
C ALA D 43 37.11 14.99 27.43
N PRO D 44 35.85 14.60 27.14
CA PRO D 44 35.49 13.18 27.12
C PRO D 44 36.02 12.45 25.89
N LYS D 45 35.95 11.12 25.92
CA LYS D 45 36.38 10.28 24.82
C LYS D 45 35.25 9.33 24.45
N LEU D 46 35.04 9.13 23.15
CA LEU D 46 34.00 8.23 22.69
C LEU D 46 34.46 6.78 22.81
N LEU D 47 33.56 5.93 23.31
CA LEU D 47 33.84 4.51 23.48
C LEU D 47 33.02 3.65 22.51
N ILE D 48 31.71 3.81 22.51
CA ILE D 48 30.81 2.97 21.74
C ILE D 48 29.79 3.86 21.04
N TYR D 49 29.59 3.63 19.74
CA TYR D 49 28.55 4.30 18.98
C TYR D 49 27.59 3.25 18.42
N ALA D 50 26.33 3.66 18.25
CA ALA D 50 25.23 2.78 17.84
C ALA D 50 24.99 1.65 18.84
N ALA D 51 25.45 1.84 20.08
CA ALA D 51 25.19 0.95 21.21
C ALA D 51 25.93 -0.38 21.10
N SER D 52 26.58 -0.64 19.97
CA SER D 52 27.33 -1.89 19.80
C SER D 52 28.70 -1.73 19.18
N SER D 53 28.96 -0.68 18.41
CA SER D 53 30.25 -0.55 17.73
C SER D 53 31.32 -0.08 18.70
N LEU D 54 32.57 -0.12 18.23
CA LEU D 54 33.72 0.30 19.02
C LEU D 54 34.56 1.27 18.21
N GLN D 55 34.88 2.42 18.80
CA GLN D 55 35.70 3.41 18.12
C GLN D 55 37.12 2.90 17.97
N SER D 56 37.75 3.22 16.84
CA SER D 56 39.12 2.81 16.58
C SER D 56 40.05 3.38 17.65
N GLY D 57 40.81 2.51 18.30
CA GLY D 57 41.71 2.88 19.36
C GLY D 57 41.19 2.59 20.74
N VAL D 58 39.89 2.32 20.88
CA VAL D 58 39.32 2.03 22.20
C VAL D 58 39.79 0.65 22.65
N PRO D 59 40.14 0.45 23.92
CA PRO D 59 40.48 -0.89 24.40
C PRO D 59 39.32 -1.87 24.21
N SER D 60 39.68 -3.13 23.98
CA SER D 60 38.69 -4.15 23.66
C SER D 60 37.95 -4.66 24.89
N ARG D 61 38.35 -4.26 26.09
CA ARG D 61 37.65 -4.70 27.29
C ARG D 61 36.27 -4.07 27.42
N PHE D 62 36.04 -2.95 26.74
CA PHE D 62 34.74 -2.30 26.77
C PHE D 62 33.79 -2.97 25.77
N SER D 63 32.54 -3.14 26.19
CA SER D 63 31.53 -3.73 25.32
C SER D 63 30.16 -3.25 25.76
N GLY D 64 29.23 -3.21 24.81
CA GLY D 64 27.87 -2.80 25.10
C GLY D 64 26.89 -3.45 24.15
N SER D 65 25.65 -3.55 24.62
CA SER D 65 24.58 -4.12 23.82
C SER D 65 23.24 -3.61 24.36
N GLY D 66 22.21 -3.77 23.55
CA GLY D 66 20.88 -3.33 23.94
C GLY D 66 20.10 -2.70 22.81
N SER D 67 18.78 -2.59 22.97
CA SER D 67 17.93 -1.97 21.97
C SER D 67 16.66 -1.52 22.64
N GLY D 68 15.96 -0.61 21.96
CA GLY D 68 14.69 -0.10 22.47
C GLY D 68 14.91 0.92 23.57
N THR D 69 14.41 0.62 24.76
CA THR D 69 14.47 1.53 25.90
C THR D 69 15.49 1.12 26.94
N ASP D 70 16.18 0.00 26.76
CA ASP D 70 17.15 -0.48 27.74
C ASP D 70 18.49 -0.70 27.07
N PHE D 71 19.55 -0.17 27.70
CA PHE D 71 20.91 -0.31 27.20
C PHE D 71 21.83 -0.60 28.38
N THR D 72 23.03 -1.11 28.07
CA THR D 72 23.98 -1.43 29.12
C THR D 72 25.40 -1.32 28.57
N LEU D 73 26.34 -1.12 29.49
CA LEU D 73 27.76 -1.08 29.18
C LEU D 73 28.50 -1.94 30.20
N THR D 74 29.43 -2.75 29.73
CA THR D 74 30.14 -3.70 30.58
C THR D 74 31.65 -3.56 30.37
N ILE D 75 32.40 -3.61 31.47
CA ILE D 75 33.86 -3.60 31.44
C ILE D 75 34.33 -4.95 31.96
N SER D 76 35.02 -5.71 31.10
CA SER D 76 35.43 -7.06 31.47
C SER D 76 36.48 -7.04 32.59
N SER D 77 37.48 -6.18 32.46
CA SER D 77 38.56 -6.10 33.43
C SER D 77 38.76 -4.64 33.83
N LEU D 78 38.93 -4.40 35.13
CA LEU D 78 39.04 -3.04 35.66
C LEU D 78 40.51 -2.69 35.85
N GLN D 79 41.11 -2.18 34.79
CA GLN D 79 42.48 -1.68 34.87
C GLN D 79 42.52 -0.38 35.68
N PRO D 80 43.69 0.00 36.20
CA PRO D 80 43.77 1.23 36.99
C PRO D 80 43.37 2.48 36.22
N GLU D 81 43.48 2.48 34.89
CA GLU D 81 43.19 3.66 34.09
C GLU D 81 41.73 3.77 33.71
N ASP D 82 40.86 2.87 34.18
CA ASP D 82 39.47 2.86 33.74
C ASP D 82 38.54 3.65 34.65
N PHE D 83 39.07 4.35 35.65
CA PHE D 83 38.23 5.10 36.59
C PHE D 83 37.95 6.50 36.03
N ALA D 84 36.70 6.75 35.66
CA ALA D 84 36.29 8.04 35.11
C ALA D 84 34.77 8.15 35.26
N THR D 85 34.19 9.12 34.56
CA THR D 85 32.75 9.31 34.51
C THR D 85 32.25 9.00 33.10
N TYR D 86 31.13 8.30 33.00
CA TYR D 86 30.60 7.84 31.73
C TYR D 86 29.21 8.44 31.49
N TYR D 87 28.91 8.75 30.24
CA TYR D 87 27.67 9.39 29.86
C TYR D 87 27.04 8.66 28.67
N CYS D 88 25.72 8.76 28.56
CA CYS D 88 24.98 8.21 27.42
C CYS D 88 24.29 9.35 26.68
N GLN D 89 24.40 9.34 25.35
CA GLN D 89 23.84 10.35 24.50
C GLN D 89 22.83 9.72 23.54
N GLN D 90 21.76 10.45 23.26
CA GLN D 90 20.68 9.99 22.39
C GLN D 90 20.90 10.60 21.01
N SER D 91 21.43 9.80 20.09
CA SER D 91 21.72 10.25 18.74
C SER D 91 20.55 10.06 17.79
N SER D 92 19.40 9.61 18.29
CA SER D 92 18.27 9.31 17.41
C SER D 92 17.78 10.57 16.69
N ASP D 93 17.50 11.62 17.45
CA ASP D 93 17.05 12.85 16.83
C ASP D 93 18.23 13.60 16.22
N PRO D 94 18.16 13.94 14.93
CA PRO D 94 19.27 14.67 14.29
C PRO D 94 19.58 15.98 15.00
N PRO D 95 18.60 16.90 15.18
CA PRO D 95 18.98 18.23 15.67
C PRO D 95 19.18 18.30 17.18
N GLU D 96 18.37 17.59 17.95
CA GLU D 96 18.36 17.70 19.41
C GLU D 96 18.81 16.37 20.02
N TYR D 97 20.00 16.35 20.60
CA TYR D 97 20.52 15.19 21.30
C TYR D 97 20.90 15.56 22.72
N THR D 98 20.43 14.77 23.68
CA THR D 98 20.59 15.07 25.10
C THR D 98 21.50 14.05 25.78
N PHE D 99 21.94 14.40 26.98
CA PHE D 99 22.86 13.57 27.76
C PHE D 99 22.14 13.09 29.01
N GLY D 100 22.79 12.15 29.72
CA GLY D 100 22.33 11.70 31.00
C GLY D 100 23.03 12.44 32.14
N GLN D 101 22.62 12.11 33.36
CA GLN D 101 23.21 12.74 34.54
C GLN D 101 24.61 12.21 34.86
N GLY D 102 25.04 11.13 34.23
CA GLY D 102 26.38 10.62 34.40
C GLY D 102 26.49 9.54 35.46
N THR D 103 27.63 8.85 35.44
CA THR D 103 27.88 7.76 36.38
C THR D 103 29.38 7.71 36.67
N LYS D 104 29.76 8.10 37.88
CA LYS D 104 31.16 8.07 38.27
C LYS D 104 31.58 6.65 38.64
N LEU D 105 32.88 6.47 38.86
CA LEU D 105 33.43 5.17 39.20
C LEU D 105 34.68 5.38 40.03
N GLU D 106 34.87 4.54 41.04
CA GLU D 106 35.92 4.77 42.01
C GLU D 106 36.36 3.45 42.63
N ILE D 107 37.52 3.48 43.28
CA ILE D 107 38.06 2.32 43.97
C ILE D 107 37.30 2.13 45.28
N LYS D 108 37.48 0.97 45.91
CA LYS D 108 36.82 0.69 47.19
C LYS D 108 37.82 0.28 48.26
N GLN E 1 -31.65 37.16 3.09
CA GLN E 1 -30.24 37.21 3.43
C GLN E 1 -29.70 35.84 3.79
N VAL E 2 -28.48 35.79 4.30
CA VAL E 2 -27.82 34.53 4.66
C VAL E 2 -27.77 34.45 6.18
N GLN E 3 -28.33 33.38 6.73
CA GLN E 3 -28.32 33.15 8.17
C GLN E 3 -27.99 31.69 8.45
N LEU E 4 -27.40 31.46 9.62
CA LEU E 4 -27.06 30.12 10.07
C LEU E 4 -27.41 30.03 11.55
N VAL E 5 -28.28 29.10 11.91
CA VAL E 5 -28.79 28.98 13.28
C VAL E 5 -28.36 27.63 13.84
N GLU E 6 -27.58 27.65 14.91
CA GLU E 6 -27.15 26.44 15.57
C GLU E 6 -28.11 26.08 16.70
N SER E 7 -28.19 24.78 17.00
CA SER E 7 -29.05 24.29 18.06
C SER E 7 -28.66 22.85 18.38
N GLY E 8 -28.68 22.51 19.66
CA GLY E 8 -28.42 21.16 20.09
C GLY E 8 -27.27 21.03 21.06
N GLY E 9 -26.98 22.10 21.80
CA GLY E 9 -25.92 22.11 22.78
C GLY E 9 -26.44 22.40 24.16
N GLY E 10 -25.72 21.90 25.17
CA GLY E 10 -26.07 22.13 26.55
C GLY E 10 -25.08 21.50 27.50
N LEU E 11 -25.57 20.99 28.62
CA LEU E 11 -24.72 20.28 29.58
C LEU E 11 -24.70 18.80 29.21
N VAL E 12 -23.54 18.18 29.42
CA VAL E 12 -23.36 16.77 29.09
C VAL E 12 -22.20 16.24 29.93
N GLN E 13 -22.32 15.00 30.37
CA GLN E 13 -21.30 14.38 31.19
C GLN E 13 -20.10 13.99 30.32
N PRO E 14 -18.91 13.93 30.92
CA PRO E 14 -17.72 13.50 30.16
C PRO E 14 -17.89 12.09 29.62
N GLY E 15 -17.33 11.87 28.43
CA GLY E 15 -17.41 10.58 27.78
C GLY E 15 -18.68 10.31 27.04
N GLY E 16 -19.62 11.25 27.02
CA GLY E 16 -20.91 11.06 26.39
C GLY E 16 -20.88 11.38 24.90
N SER E 17 -22.07 11.69 24.38
CA SER E 17 -22.22 11.98 22.96
C SER E 17 -23.29 13.03 22.78
N LEU E 18 -23.12 13.88 21.77
CA LEU E 18 -24.08 14.92 21.46
C LEU E 18 -24.01 15.22 19.97
N ARG E 19 -25.11 15.73 19.43
CA ARG E 19 -25.23 16.02 18.00
C ARG E 19 -25.86 17.38 17.81
N LEU E 20 -25.12 18.29 17.17
CA LEU E 20 -25.60 19.63 16.90
C LEU E 20 -26.17 19.72 15.49
N SER E 21 -26.78 20.86 15.18
CA SER E 21 -27.36 21.11 13.88
C SER E 21 -27.20 22.58 13.56
N CYS E 22 -27.26 22.91 12.27
CA CYS E 22 -27.13 24.29 11.83
C CYS E 22 -27.90 24.47 10.53
N ALA E 23 -29.11 25.00 10.63
CA ALA E 23 -29.94 25.26 9.47
C ALA E 23 -29.41 26.47 8.71
N ALA E 24 -29.76 26.51 7.42
CA ALA E 24 -29.21 27.52 6.52
C ALA E 24 -30.35 28.15 5.72
N SER E 25 -30.10 29.36 5.24
CA SER E 25 -31.07 30.05 4.41
C SER E 25 -30.34 31.06 3.53
N GLY E 26 -30.94 31.36 2.38
CA GLY E 26 -30.44 32.39 1.49
C GLY E 26 -29.43 31.95 0.47
N PHE E 27 -29.01 30.69 0.47
CA PHE E 27 -27.99 30.24 -0.47
C PHE E 27 -28.19 28.76 -0.75
N THR E 28 -27.52 28.28 -1.80
CA THR E 28 -27.57 26.87 -2.18
C THR E 28 -26.63 26.09 -1.28
N PHE E 29 -27.20 25.29 -0.38
CA PHE E 29 -26.40 24.56 0.61
C PHE E 29 -25.50 23.53 -0.05
N SER E 30 -25.90 23.00 -1.21
CA SER E 30 -25.12 21.95 -1.87
C SER E 30 -23.94 22.52 -2.65
N SER E 31 -23.91 23.82 -2.89
CA SER E 31 -22.87 24.44 -3.71
C SER E 31 -21.74 25.05 -2.89
N TYR E 32 -21.76 24.91 -1.56
CA TYR E 32 -20.76 25.54 -0.71
C TYR E 32 -20.20 24.53 0.29
N ASP E 33 -18.97 24.79 0.73
CA ASP E 33 -18.39 24.02 1.82
C ASP E 33 -18.91 24.52 3.17
N MET E 34 -18.81 23.66 4.18
CA MET E 34 -19.27 23.98 5.51
C MET E 34 -18.23 23.59 6.54
N HIS E 35 -18.00 24.48 7.51
CA HIS E 35 -16.98 24.29 8.52
C HIS E 35 -17.57 24.52 9.92
N TRP E 36 -16.91 23.93 10.91
CA TRP E 36 -17.22 24.17 12.32
C TRP E 36 -15.99 24.76 13.01
N VAL E 37 -16.17 25.88 13.69
CA VAL E 37 -15.10 26.58 14.37
C VAL E 37 -15.50 26.80 15.82
N ARG E 38 -14.59 26.52 16.74
CA ARG E 38 -14.81 26.71 18.16
C ARG E 38 -14.07 27.96 18.65
N GLN E 39 -14.48 28.45 19.81
CA GLN E 39 -13.85 29.60 20.44
C GLN E 39 -13.78 29.40 21.95
N THR E 40 -12.57 29.32 22.48
CA THR E 40 -12.32 29.25 23.91
C THR E 40 -11.56 30.49 24.34
N THR E 41 -11.95 31.06 25.49
CA THR E 41 -11.33 32.30 25.95
C THR E 41 -9.84 32.13 26.23
N GLY E 42 -9.38 30.91 26.50
CA GLY E 42 -7.97 30.68 26.79
C GLY E 42 -7.15 30.31 25.57
N LYS E 43 -7.81 29.95 24.47
CA LYS E 43 -7.11 29.52 23.26
C LYS E 43 -7.59 30.21 21.99
N GLY E 44 -8.60 31.07 22.07
CA GLY E 44 -9.07 31.75 20.88
C GLY E 44 -9.80 30.83 19.92
N LEU E 45 -9.93 31.31 18.69
CA LEU E 45 -10.61 30.56 17.65
C LEU E 45 -9.79 29.35 17.23
N GLU E 46 -10.47 28.27 16.86
CA GLU E 46 -9.83 27.05 16.42
C GLU E 46 -10.76 26.29 15.49
N TRP E 47 -10.19 25.71 14.44
CA TRP E 47 -10.95 24.96 13.45
C TRP E 47 -11.04 23.50 13.87
N VAL E 48 -12.24 22.92 13.79
CA VAL E 48 -12.48 21.58 14.27
C VAL E 48 -13.04 20.62 13.21
N SER E 49 -13.65 21.11 12.14
CA SER E 49 -14.20 20.21 11.14
C SER E 49 -14.42 20.95 9.83
N THR E 50 -14.51 20.18 8.75
CA THR E 50 -14.75 20.74 7.41
C THR E 50 -15.30 19.63 6.53
N ILE E 51 -16.36 19.94 5.80
CA ILE E 51 -16.97 19.01 4.85
C ILE E 51 -17.04 19.68 3.49
N GLY E 52 -16.74 18.92 2.44
CA GLY E 52 -16.74 19.42 1.08
C GLY E 52 -18.04 19.08 0.34
N THR E 53 -18.07 19.54 -0.90
CA THR E 53 -19.25 19.30 -1.74
C THR E 53 -19.28 17.86 -2.24
N ALA E 54 -18.11 17.23 -2.37
CA ALA E 54 -18.01 15.88 -2.91
C ALA E 54 -17.83 14.82 -1.82
N GLY E 55 -18.37 15.06 -0.63
CA GLY E 55 -18.35 14.09 0.43
C GLY E 55 -17.05 13.98 1.20
N ASP E 56 -16.06 14.80 0.88
CA ASP E 56 -14.80 14.75 1.61
C ASP E 56 -14.93 15.40 2.97
N THR E 57 -14.31 14.78 3.97
CA THR E 57 -14.34 15.28 5.35
C THR E 57 -12.90 15.40 5.85
N TYR E 58 -12.59 16.53 6.47
CA TYR E 58 -11.26 16.81 6.97
C TYR E 58 -11.34 17.10 8.47
N TYR E 59 -10.41 16.52 9.23
CA TYR E 59 -10.41 16.67 10.67
C TYR E 59 -9.01 17.02 11.15
N PRO E 60 -8.91 17.77 12.25
CA PRO E 60 -7.61 17.99 12.88
C PRO E 60 -7.18 16.77 13.68
N ASP E 61 -5.92 16.79 14.10
CA ASP E 61 -5.41 15.69 14.92
C ASP E 61 -6.02 15.67 16.31
N SER E 62 -6.57 16.79 16.77
CA SER E 62 -7.12 16.86 18.12
C SER E 62 -8.40 16.04 18.24
N VAL E 63 -9.28 16.13 17.24
CA VAL E 63 -10.60 15.51 17.34
C VAL E 63 -10.81 14.39 16.32
N LYS E 64 -9.76 13.99 15.60
CA LYS E 64 -9.92 12.92 14.62
C LYS E 64 -10.19 11.60 15.33
N GLY E 65 -11.14 10.83 14.78
CA GLY E 65 -11.57 9.59 15.40
C GLY E 65 -12.68 9.75 16.41
N ARG E 66 -13.06 10.97 16.75
CA ARG E 66 -14.12 11.24 17.71
C ARG E 66 -15.27 12.03 17.14
N PHE E 67 -15.01 12.91 16.17
CA PHE E 67 -16.04 13.78 15.60
C PHE E 67 -16.35 13.33 14.19
N THR E 68 -17.63 13.30 13.85
CA THR E 68 -18.10 12.97 12.50
C THR E 68 -19.03 14.07 12.02
N ILE E 69 -18.74 14.62 10.85
CA ILE E 69 -19.52 15.69 10.26
C ILE E 69 -20.35 15.11 9.12
N SER E 70 -21.62 15.49 9.06
CA SER E 70 -22.52 14.99 8.04
C SER E 70 -23.27 16.15 7.40
N ARG E 71 -23.73 15.92 6.18
CA ARG E 71 -24.42 16.93 5.40
C ARG E 71 -25.66 16.32 4.77
N GLU E 72 -26.79 17.01 4.88
CA GLU E 72 -28.05 16.60 4.27
C GLU E 72 -28.60 17.79 3.49
N ASP E 73 -28.40 17.78 2.17
CA ASP E 73 -28.79 18.92 1.34
C ASP E 73 -30.30 19.08 1.27
N ALA E 74 -31.04 17.96 1.29
CA ALA E 74 -32.49 18.04 1.18
C ALA E 74 -33.10 18.79 2.36
N LYS E 75 -32.63 18.50 3.58
CA LYS E 75 -33.15 19.16 4.76
C LYS E 75 -32.45 20.47 5.09
N ASN E 76 -31.39 20.82 4.35
CA ASN E 76 -30.59 22.02 4.61
C ASN E 76 -30.10 22.05 6.06
N SER E 77 -29.66 20.89 6.54
CA SER E 77 -29.16 20.75 7.90
C SER E 77 -27.75 20.16 7.86
N LEU E 78 -26.84 20.80 8.58
CA LEU E 78 -25.47 20.33 8.75
C LEU E 78 -25.30 19.89 10.19
N TYR E 79 -24.81 18.67 10.38
CA TYR E 79 -24.73 18.06 11.71
C TYR E 79 -23.29 17.84 12.11
N LEU E 80 -23.08 17.66 13.41
CA LEU E 80 -21.76 17.36 13.97
C LEU E 80 -21.95 16.40 15.14
N GLN E 81 -21.50 15.16 14.97
CA GLN E 81 -21.61 14.14 15.99
C GLN E 81 -20.32 14.11 16.80
N MET E 82 -20.44 14.20 18.12
CA MET E 82 -19.30 14.21 19.03
C MET E 82 -19.33 12.98 19.91
N ASN E 83 -18.18 12.32 20.05
CA ASN E 83 -18.05 11.16 20.91
C ASN E 83 -16.75 11.28 21.72
N SER E 84 -16.75 10.61 22.87
CA SER E 84 -15.61 10.62 23.78
C SER E 84 -15.25 12.06 24.18
N LEU E 85 -16.24 12.81 24.64
CA LEU E 85 -16.02 14.19 25.03
C LEU E 85 -15.11 14.27 26.25
N ARG E 86 -14.29 15.31 26.30
CA ARG E 86 -13.41 15.57 27.42
C ARG E 86 -13.68 16.97 27.95
N ALA E 87 -13.04 17.29 29.08
CA ALA E 87 -13.22 18.60 29.69
C ALA E 87 -12.64 19.72 28.84
N GLY E 88 -11.80 19.39 27.86
CA GLY E 88 -11.20 20.38 26.99
C GLY E 88 -12.02 20.78 25.79
N ASP E 89 -13.26 20.31 25.68
CA ASP E 89 -14.12 20.61 24.54
C ASP E 89 -15.22 21.60 24.88
N THR E 90 -15.06 22.37 25.95
CA THR E 90 -16.06 23.34 26.37
C THR E 90 -15.79 24.66 25.66
N ALA E 91 -16.61 24.99 24.66
CA ALA E 91 -16.41 26.19 23.88
C ALA E 91 -17.69 26.51 23.13
N VAL E 92 -17.73 27.70 22.54
CA VAL E 92 -18.84 28.13 21.70
C VAL E 92 -18.55 27.74 20.26
N TYR E 93 -19.46 26.97 19.66
CA TYR E 93 -19.27 26.41 18.34
C TYR E 93 -20.06 27.21 17.32
N TYR E 94 -19.41 27.56 16.21
CA TYR E 94 -20.04 28.27 15.11
C TYR E 94 -20.01 27.40 13.85
N CYS E 95 -21.02 27.57 13.01
CA CYS E 95 -21.01 26.98 11.67
C CYS E 95 -20.74 28.08 10.66
N ALA E 96 -19.73 27.86 9.81
CA ALA E 96 -19.28 28.88 8.87
C ALA E 96 -19.45 28.37 7.45
N ARG E 97 -19.52 29.31 6.51
CA ARG E 97 -19.59 29.00 5.09
C ARG E 97 -18.27 29.42 4.44
N GLY E 98 -17.66 28.48 3.72
CA GLY E 98 -16.37 28.72 3.09
C GLY E 98 -16.52 29.07 1.62
N ASP E 99 -15.81 30.12 1.21
CA ASP E 99 -15.82 30.58 -0.17
C ASP E 99 -14.41 31.00 -0.55
N SER E 100 -14.14 30.98 -1.85
CA SER E 100 -12.82 31.30 -2.38
C SER E 100 -12.93 32.30 -3.52
N SER E 101 -11.97 33.22 -3.59
CA SER E 101 -11.85 34.17 -4.69
C SER E 101 -10.49 33.92 -5.34
N GLY E 102 -10.46 32.97 -6.28
CA GLY E 102 -9.21 32.55 -6.87
C GLY E 102 -8.63 31.38 -6.12
N TYR E 103 -7.35 31.48 -5.75
CA TYR E 103 -6.69 30.47 -4.93
C TYR E 103 -6.77 30.80 -3.43
N TYR E 104 -7.39 31.91 -3.07
CA TYR E 104 -7.43 32.38 -1.70
C TYR E 104 -8.73 31.97 -1.04
N TYR E 105 -8.66 31.55 0.22
CA TYR E 105 -9.79 30.99 0.94
C TYR E 105 -10.11 31.83 2.17
N TYR E 106 -11.39 31.86 2.54
CA TYR E 106 -11.85 32.64 3.67
C TYR E 106 -13.18 32.11 4.16
N PHE E 107 -13.54 32.50 5.38
CA PHE E 107 -14.84 32.18 5.97
C PHE E 107 -15.70 33.44 5.93
N ASP E 108 -16.82 33.37 5.22
CA ASP E 108 -17.61 34.56 4.93
C ASP E 108 -18.72 34.82 5.94
N TYR E 109 -19.55 33.83 6.21
CA TYR E 109 -20.70 34.00 7.09
C TYR E 109 -20.64 33.00 8.24
N TRP E 110 -21.00 33.48 9.44
CA TRP E 110 -20.99 32.68 10.65
C TRP E 110 -22.38 32.70 11.28
N GLY E 111 -22.60 31.77 12.21
CA GLY E 111 -23.83 31.71 12.97
C GLY E 111 -23.68 32.35 14.34
N GLN E 112 -24.81 32.38 15.06
CA GLN E 112 -24.82 32.97 16.39
C GLN E 112 -23.94 32.18 17.35
N GLY E 113 -23.98 30.86 17.26
CA GLY E 113 -23.18 30.01 18.12
C GLY E 113 -24.04 29.22 19.09
N THR E 114 -23.42 28.21 19.70
CA THR E 114 -24.10 27.34 20.64
C THR E 114 -23.12 26.92 21.72
N LEU E 115 -23.42 27.26 22.97
CA LEU E 115 -22.54 26.91 24.07
C LEU E 115 -22.68 25.44 24.44
N LEU E 116 -21.55 24.77 24.63
CA LEU E 116 -21.50 23.40 25.08
C LEU E 116 -20.59 23.30 26.29
N THR E 117 -21.06 22.68 27.36
CA THR E 117 -20.32 22.57 28.61
C THR E 117 -20.15 21.11 28.98
N VAL E 118 -18.96 20.75 29.43
CA VAL E 118 -18.64 19.39 29.85
C VAL E 118 -18.47 19.41 31.36
N SER E 119 -19.31 18.68 32.07
CA SER E 119 -19.27 18.65 33.53
C SER E 119 -19.41 17.22 34.06
N ASP F 1 2.67 23.42 12.69
CA ASP F 1 1.79 24.37 12.03
C ASP F 1 2.38 25.78 12.10
N ILE F 2 1.94 26.64 11.18
CA ILE F 2 2.41 28.02 11.14
C ILE F 2 1.73 28.80 12.26
N GLN F 3 2.54 29.46 13.09
CA GLN F 3 2.05 30.19 14.26
C GLN F 3 1.97 31.68 13.93
N MET F 4 0.83 32.27 14.24
CA MET F 4 0.60 33.69 13.99
C MET F 4 0.59 34.45 15.30
N THR F 5 1.28 35.59 15.33
CA THR F 5 1.37 36.43 16.51
C THR F 5 0.97 37.86 16.17
N GLN F 6 0.37 38.55 17.13
CA GLN F 6 -0.09 39.91 16.96
C GLN F 6 0.50 40.81 18.03
N SER F 7 0.57 42.10 17.72
CA SER F 7 1.02 43.13 18.65
C SER F 7 0.43 44.44 18.22
N PRO F 8 0.05 45.33 19.16
CA PRO F 8 0.12 45.13 20.60
C PRO F 8 -1.02 44.28 21.15
N SER F 9 -0.88 43.81 22.39
CA SER F 9 -1.94 43.02 23.01
C SER F 9 -3.21 43.86 23.21
N SER F 10 -3.05 45.11 23.66
CA SER F 10 -4.18 45.99 23.89
C SER F 10 -3.86 47.37 23.33
N LEU F 11 -4.84 47.95 22.63
CA LEU F 11 -4.70 49.27 22.02
C LEU F 11 -5.84 50.16 22.46
N SER F 12 -5.54 51.42 22.74
CA SER F 12 -6.52 52.40 23.16
C SER F 12 -6.43 53.64 22.28
N ALA F 13 -7.54 53.98 21.62
CA ALA F 13 -7.58 55.11 20.72
C ALA F 13 -8.93 55.81 20.83
N ALA F 14 -8.94 57.08 20.46
CA ALA F 14 -10.16 57.89 20.51
C ALA F 14 -10.80 57.98 19.15
N VAL F 15 -11.93 58.68 19.10
CA VAL F 15 -12.68 58.81 17.85
C VAL F 15 -11.91 59.72 16.89
N GLY F 16 -11.78 59.27 15.65
CA GLY F 16 -11.08 60.01 14.63
C GLY F 16 -9.58 59.83 14.60
N ASP F 17 -9.03 58.95 15.44
CA ASP F 17 -7.60 58.74 15.50
C ASP F 17 -7.16 57.79 14.39
N ARG F 18 -5.90 57.35 14.45
CA ARG F 18 -5.34 56.39 13.51
C ARG F 18 -4.74 55.24 14.31
N VAL F 19 -5.04 54.01 13.87
CA VAL F 19 -4.59 52.83 14.58
C VAL F 19 -3.84 51.92 13.61
N THR F 20 -3.04 51.02 14.18
CA THR F 20 -2.21 50.10 13.40
C THR F 20 -2.13 48.77 14.12
N ILE F 21 -2.58 47.71 13.45
CA ILE F 21 -2.54 46.36 13.99
C ILE F 21 -1.60 45.53 13.13
N THR F 22 -0.62 44.88 13.77
CA THR F 22 0.42 44.14 13.08
C THR F 22 0.27 42.65 13.36
N CYS F 23 0.38 41.86 12.29
CA CYS F 23 0.28 40.40 12.36
C CYS F 23 1.54 39.80 11.75
N ARG F 24 2.21 38.95 12.50
CA ARG F 24 3.47 38.35 12.07
C ARG F 24 3.35 36.84 12.04
N ALA F 25 3.93 36.23 11.00
CA ALA F 25 3.89 34.80 10.80
C ALA F 25 5.26 34.18 11.03
N SER F 26 5.28 32.97 11.61
CA SER F 26 6.53 32.28 11.88
C SER F 26 7.19 31.73 10.61
N GLN F 27 6.49 31.78 9.48
CA GLN F 27 7.02 31.30 8.21
C GLN F 27 6.48 32.19 7.11
N SER F 28 7.24 32.29 6.02
CA SER F 28 6.78 33.07 4.87
C SER F 28 5.52 32.45 4.30
N ILE F 29 4.45 33.25 4.22
CA ILE F 29 3.16 32.76 3.74
C ILE F 29 2.69 33.60 2.57
N GLY F 30 3.49 34.57 2.15
CA GLY F 30 3.12 35.39 1.02
C GLY F 30 1.93 36.27 1.36
N SER F 31 0.97 36.34 0.44
CA SER F 31 -0.20 37.20 0.57
C SER F 31 -1.45 36.41 0.96
N TYR F 32 -1.27 35.39 1.79
CA TYR F 32 -2.37 34.56 2.28
C TYR F 32 -2.69 35.00 3.71
N LEU F 33 -3.62 35.95 3.85
CA LEU F 33 -4.04 36.40 5.16
C LEU F 33 -5.44 36.97 5.08
N ASN F 34 -6.18 36.82 6.19
CA ASN F 34 -7.52 37.36 6.33
C ASN F 34 -7.63 38.08 7.67
N TRP F 35 -8.58 39.01 7.75
CA TRP F 35 -8.82 39.78 8.97
C TRP F 35 -10.28 39.68 9.38
N TYR F 36 -10.52 39.54 10.69
CA TYR F 36 -11.85 39.38 11.23
C TYR F 36 -12.09 40.33 12.39
N GLN F 37 -13.30 40.85 12.48
CA GLN F 37 -13.73 41.73 13.57
C GLN F 37 -14.85 41.04 14.34
N GLN F 38 -14.75 41.05 15.67
CA GLN F 38 -15.71 40.37 16.53
C GLN F 38 -16.17 41.32 17.63
N LYS F 39 -17.38 41.85 17.50
CA LYS F 39 -17.96 42.64 18.57
C LYS F 39 -18.41 41.72 19.71
N PRO F 40 -18.38 42.21 20.95
CA PRO F 40 -18.64 41.34 22.10
C PRO F 40 -20.03 40.70 22.04
N GLY F 41 -20.07 39.41 22.38
CA GLY F 41 -21.33 38.67 22.37
C GLY F 41 -21.98 38.56 21.02
N LYS F 42 -21.18 38.50 19.96
CA LYS F 42 -21.70 38.38 18.59
C LYS F 42 -20.76 37.48 17.80
N ALA F 43 -21.05 37.31 16.53
CA ALA F 43 -20.27 36.42 15.68
C ALA F 43 -19.18 37.20 14.95
N PRO F 44 -18.06 36.56 14.66
CA PRO F 44 -17.00 37.23 13.91
C PRO F 44 -17.44 37.59 12.51
N LYS F 45 -16.87 38.68 12.00
CA LYS F 45 -17.21 39.22 10.69
C LYS F 45 -15.94 39.34 9.85
N LEU F 46 -16.09 39.13 8.54
CA LEU F 46 -14.96 39.15 7.62
C LEU F 46 -14.75 40.57 7.08
N LEU F 47 -13.50 41.02 7.11
CA LEU F 47 -13.14 42.36 6.62
C LEU F 47 -12.24 42.31 5.40
N ILE F 48 -11.08 41.67 5.50
CA ILE F 48 -10.06 41.68 4.46
C ILE F 48 -9.67 40.24 4.14
N TYR F 49 -9.55 39.94 2.85
CA TYR F 49 -9.01 38.67 2.40
C TYR F 49 -7.89 38.94 1.40
N ALA F 50 -7.01 37.95 1.25
CA ALA F 50 -5.77 38.07 0.47
C ALA F 50 -4.86 39.17 1.00
N ALA F 51 -5.09 39.61 2.24
CA ALA F 51 -4.25 40.56 2.98
C ALA F 51 -4.35 41.98 2.44
N SER F 52 -5.02 42.18 1.31
CA SER F 52 -5.18 43.52 0.77
C SER F 52 -6.52 43.78 0.09
N SER F 53 -7.44 42.83 0.08
CA SER F 53 -8.70 42.99 -0.64
C SER F 53 -9.85 43.23 0.32
N LEU F 54 -10.74 44.13 -0.08
CA LEU F 54 -11.83 44.60 0.77
C LEU F 54 -13.09 43.80 0.46
N GLN F 55 -13.67 43.17 1.48
CA GLN F 55 -14.92 42.44 1.30
C GLN F 55 -16.08 43.42 1.12
N SER F 56 -17.05 43.00 0.32
CA SER F 56 -18.21 43.85 0.06
C SER F 56 -18.99 44.11 1.34
N GLY F 57 -19.38 45.37 1.54
CA GLY F 57 -20.11 45.80 2.70
C GLY F 57 -19.24 46.38 3.80
N VAL F 58 -17.97 46.01 3.84
CA VAL F 58 -17.05 46.55 4.85
C VAL F 58 -16.83 48.03 4.57
N PRO F 59 -16.76 48.89 5.60
CA PRO F 59 -16.47 50.30 5.35
C PRO F 59 -15.11 50.51 4.72
N SER F 60 -15.01 51.60 3.95
CA SER F 60 -13.77 51.90 3.24
C SER F 60 -12.65 52.33 4.16
N ARG F 61 -12.93 52.57 5.44
CA ARG F 61 -11.91 53.02 6.39
C ARG F 61 -10.82 51.99 6.61
N PHE F 62 -11.03 50.73 6.23
CA PHE F 62 -10.09 49.66 6.48
C PHE F 62 -9.23 49.42 5.25
N SER F 63 -7.96 49.07 5.48
CA SER F 63 -7.05 48.71 4.41
C SER F 63 -6.03 47.73 4.96
N GLY F 64 -5.44 46.94 4.07
CA GLY F 64 -4.43 45.98 4.45
C GLY F 64 -3.25 46.02 3.50
N SER F 65 -2.08 45.75 4.05
CA SER F 65 -0.85 45.76 3.26
C SER F 65 0.17 44.83 3.92
N GLY F 66 1.08 44.33 3.11
CA GLY F 66 2.14 43.46 3.57
C GLY F 66 2.18 42.17 2.78
N SER F 67 3.27 41.43 2.99
CA SER F 67 3.49 40.14 2.36
C SER F 67 4.67 39.47 3.04
N GLY F 68 4.65 38.14 3.06
CA GLY F 68 5.70 37.38 3.68
C GLY F 68 5.42 37.05 5.13
N THR F 69 6.01 37.80 6.05
CA THR F 69 5.79 37.60 7.47
C THR F 69 5.37 38.86 8.21
N ASP F 70 5.06 39.95 7.51
CA ASP F 70 4.64 41.19 8.13
C ASP F 70 3.37 41.69 7.45
N PHE F 71 2.36 42.00 8.25
CA PHE F 71 1.07 42.46 7.74
C PHE F 71 0.54 43.55 8.65
N THR F 72 -0.33 44.39 8.10
CA THR F 72 -0.80 45.56 8.81
C THR F 72 -2.25 45.87 8.42
N LEU F 73 -3.05 46.24 9.42
CA LEU F 73 -4.42 46.69 9.22
C LEU F 73 -4.55 48.11 9.79
N THR F 74 -5.07 49.04 8.99
CA THR F 74 -5.10 50.44 9.35
C THR F 74 -6.51 51.00 9.20
N ILE F 75 -6.98 51.69 10.23
CA ILE F 75 -8.26 52.39 10.22
C ILE F 75 -7.97 53.88 10.17
N SER F 76 -8.44 54.54 9.12
CA SER F 76 -8.15 55.96 8.94
C SER F 76 -8.80 56.80 10.03
N SER F 77 -10.09 56.61 10.27
CA SER F 77 -10.81 57.29 11.32
C SER F 77 -11.61 56.25 12.09
N LEU F 78 -11.52 56.29 13.42
CA LEU F 78 -12.13 55.29 14.28
C LEU F 78 -13.54 55.75 14.64
N GLN F 79 -14.54 55.16 13.99
CA GLN F 79 -15.94 55.41 14.27
C GLN F 79 -16.34 54.76 15.60
N PRO F 80 -17.43 55.22 16.21
CA PRO F 80 -17.81 54.68 17.53
C PRO F 80 -18.15 53.21 17.54
N GLU F 81 -18.43 52.59 16.39
CA GLU F 81 -18.82 51.19 16.33
C GLU F 81 -17.68 50.28 15.88
N ASP F 82 -16.43 50.77 15.92
CA ASP F 82 -15.29 49.98 15.50
C ASP F 82 -14.42 49.52 16.68
N PHE F 83 -14.99 49.37 17.86
CA PHE F 83 -14.28 48.83 19.00
C PHE F 83 -14.62 47.35 19.12
N ALA F 84 -13.62 46.49 18.91
CA ALA F 84 -13.83 45.05 18.95
C ALA F 84 -12.47 44.37 19.06
N ILE F 85 -12.49 43.04 19.08
CA ILE F 85 -11.28 42.22 19.06
C ILE F 85 -11.03 41.78 17.63
N TYR F 86 -9.81 42.00 17.14
CA TYR F 86 -9.45 41.73 15.76
C TYR F 86 -8.52 40.54 15.66
N TYR F 87 -8.80 39.65 14.70
CA TYR F 87 -8.05 38.42 14.49
C TYR F 87 -7.50 38.39 13.07
N CYS F 88 -6.27 37.89 12.92
CA CYS F 88 -5.70 37.60 11.62
C CYS F 88 -5.55 36.09 11.45
N GLN F 89 -5.79 35.62 10.23
CA GLN F 89 -5.78 34.20 9.92
C GLN F 89 -4.93 33.95 8.68
N GLN F 90 -4.20 32.84 8.67
CA GLN F 90 -3.41 32.42 7.52
C GLN F 90 -4.18 31.38 6.71
N SER F 91 -4.09 31.48 5.39
CA SER F 91 -4.79 30.59 4.47
C SER F 91 -3.84 29.92 3.50
N TYR F 92 -2.58 29.73 3.90
CA TYR F 92 -1.59 29.11 3.03
C TYR F 92 -1.48 27.61 3.19
N VAL F 93 -1.63 27.11 4.42
CA VAL F 93 -1.58 25.68 4.70
C VAL F 93 -2.99 25.19 4.99
N SER F 94 -3.39 24.11 4.32
CA SER F 94 -4.74 23.60 4.39
C SER F 94 -4.71 22.12 4.75
N PRO F 95 -5.78 21.61 5.37
CA PRO F 95 -6.98 22.34 5.80
C PRO F 95 -6.87 22.90 7.22
N THR F 96 -5.70 22.79 7.83
CA THR F 96 -5.50 23.22 9.22
C THR F 96 -5.23 24.72 9.26
N TYR F 97 -6.31 25.49 9.17
CA TYR F 97 -6.20 26.94 9.29
C TYR F 97 -5.93 27.34 10.73
N THR F 98 -5.14 28.40 10.91
CA THR F 98 -4.81 28.91 12.23
C THR F 98 -5.13 30.39 12.32
N PHE F 99 -5.53 30.81 13.51
CA PHE F 99 -5.96 32.18 13.78
C PHE F 99 -4.92 32.91 14.64
N GLY F 100 -5.06 34.23 14.68
CA GLY F 100 -4.23 35.04 15.55
C GLY F 100 -4.76 35.07 16.97
N PRO F 101 -3.96 35.64 17.87
CA PRO F 101 -4.38 35.68 19.28
C PRO F 101 -5.47 36.68 19.58
N GLY F 102 -5.43 37.86 18.96
CA GLY F 102 -6.45 38.87 19.19
C GLY F 102 -5.92 40.20 19.70
N THR F 103 -6.43 41.30 19.15
CA THR F 103 -6.06 42.65 19.56
C THR F 103 -7.32 43.45 19.84
N LYS F 104 -7.36 44.12 20.98
CA LYS F 104 -8.55 44.81 21.46
C LYS F 104 -8.37 46.32 21.32
N VAL F 105 -9.38 46.98 20.74
CA VAL F 105 -9.38 48.42 20.56
C VAL F 105 -10.46 49.01 21.46
N ASP F 106 -10.06 49.88 22.38
CA ASP F 106 -10.97 50.54 23.32
C ASP F 106 -11.03 52.03 23.02
N ILE F 107 -11.72 52.76 23.89
CA ILE F 107 -11.89 54.20 23.77
C ILE F 107 -11.23 54.86 24.98
N LYS F 108 -10.40 55.87 24.72
CA LYS F 108 -9.74 56.59 25.80
C LYS F 108 -10.44 57.92 26.07
N THR G 15 -12.41 11.30 -22.30
CA THR G 15 -10.99 11.39 -22.67
C THR G 15 -10.12 10.61 -21.69
N ASN G 16 -8.81 10.77 -21.81
CA ASN G 16 -7.88 10.06 -20.94
C ASN G 16 -7.97 10.59 -19.52
N LEU G 17 -7.93 9.68 -18.55
CA LEU G 17 -7.91 10.02 -17.14
C LEU G 17 -6.49 9.89 -16.61
N CYS G 18 -6.12 10.79 -15.70
CA CYS G 18 -4.74 10.84 -15.23
C CYS G 18 -4.40 9.58 -14.43
N PRO G 19 -3.20 9.05 -14.57
CA PRO G 19 -2.84 7.77 -13.92
C PRO G 19 -2.33 7.94 -12.49
N PHE G 20 -3.22 8.39 -11.61
CA PHE G 20 -2.84 8.53 -10.21
C PHE G 20 -2.65 7.17 -9.55
N GLY G 21 -3.36 6.15 -10.01
CA GLY G 21 -3.18 4.83 -9.45
C GLY G 21 -1.78 4.27 -9.65
N GLU G 22 -1.20 4.53 -10.83
CA GLU G 22 0.15 4.04 -11.10
C GLU G 22 1.17 4.70 -10.17
N VAL G 23 0.94 5.98 -9.85
CA VAL G 23 1.83 6.66 -8.92
C VAL G 23 1.65 6.12 -7.50
N PHE G 24 0.41 5.96 -7.06
CA PHE G 24 0.14 5.55 -5.69
C PHE G 24 0.23 4.05 -5.48
N ASN G 25 -0.26 3.26 -6.44
CA ASN G 25 -0.36 1.81 -6.29
C ASN G 25 0.77 1.08 -7.01
N ALA G 26 1.98 1.63 -7.01
CA ALA G 26 3.12 0.98 -7.62
C ALA G 26 3.82 0.06 -6.62
N THR G 27 4.43 -1.01 -7.14
CA THR G 27 5.07 -1.98 -6.26
C THR G 27 6.37 -1.46 -5.68
N ARG G 28 7.19 -0.81 -6.50
CA ARG G 28 8.53 -0.38 -6.10
C ARG G 28 8.59 1.14 -6.04
N PHE G 29 9.11 1.65 -4.94
CA PHE G 29 9.32 3.09 -4.74
C PHE G 29 10.81 3.39 -4.69
N ALA G 30 11.20 4.52 -5.26
CA ALA G 30 12.60 4.89 -5.36
C ALA G 30 13.13 5.40 -4.02
N SER G 31 14.45 5.43 -3.91
CA SER G 31 15.10 5.97 -2.73
C SER G 31 14.96 7.49 -2.68
N VAL G 32 15.20 8.06 -1.51
CA VAL G 32 14.98 9.50 -1.33
C VAL G 32 16.00 10.31 -2.12
N TYR G 33 17.27 9.89 -2.13
CA TYR G 33 18.29 10.67 -2.80
C TYR G 33 18.16 10.58 -4.31
N ALA G 34 17.82 9.41 -4.83
CA ALA G 34 17.46 9.26 -6.23
C ALA G 34 15.93 9.20 -6.38
N TRP G 35 15.28 10.30 -6.00
CA TRP G 35 13.83 10.34 -6.01
C TRP G 35 13.31 10.38 -7.45
N ASN G 36 12.14 9.78 -7.64
CA ASN G 36 11.54 9.65 -8.96
C ASN G 36 10.59 10.81 -9.24
N ARG G 37 10.46 11.15 -10.52
CA ARG G 37 9.57 12.21 -10.96
C ARG G 37 8.84 11.75 -12.21
N LYS G 38 7.53 11.98 -12.26
CA LYS G 38 6.72 11.60 -13.40
C LYS G 38 5.91 12.81 -13.85
N ARG G 39 5.79 12.99 -15.16
CA ARG G 39 5.13 14.15 -15.74
C ARG G 39 3.74 13.72 -16.23
N ILE G 40 2.71 14.29 -15.62
CA ILE G 40 1.33 13.97 -15.96
C ILE G 40 0.73 15.14 -16.72
N SER G 41 0.21 14.87 -17.92
CA SER G 41 -0.36 15.93 -18.74
C SER G 41 -1.37 15.32 -19.71
N ASN G 42 -2.22 16.20 -20.25
CA ASN G 42 -3.24 15.83 -21.25
C ASN G 42 -4.18 14.76 -20.70
N CYS G 43 -4.80 15.07 -19.58
CA CYS G 43 -5.72 14.14 -18.94
C CYS G 43 -6.63 14.91 -17.99
N VAL G 44 -7.75 14.29 -17.64
CA VAL G 44 -8.67 14.82 -16.64
C VAL G 44 -8.35 14.17 -15.30
N ALA G 45 -8.11 14.99 -14.29
CA ALA G 45 -7.68 14.53 -12.98
C ALA G 45 -8.87 14.37 -12.07
N ASP G 46 -9.03 13.17 -11.50
CA ASP G 46 -10.12 12.87 -10.58
C ASP G 46 -9.51 12.64 -9.20
N TYR G 47 -9.85 13.52 -8.25
CA TYR G 47 -9.32 13.44 -6.90
C TYR G 47 -10.29 12.77 -5.93
N SER G 48 -11.41 12.25 -6.43
CA SER G 48 -12.29 11.46 -5.57
C SER G 48 -11.59 10.22 -5.04
N VAL G 49 -10.56 9.75 -5.75
CA VAL G 49 -9.77 8.63 -5.26
C VAL G 49 -9.00 9.02 -4.00
N LEU G 50 -8.65 10.30 -3.87
CA LEU G 50 -7.94 10.79 -2.71
C LEU G 50 -8.85 11.33 -1.62
N TYR G 51 -10.08 11.70 -1.96
CA TYR G 51 -10.95 12.38 -1.00
C TYR G 51 -11.21 11.53 0.23
N ASN G 52 -11.47 10.24 0.03
CA ASN G 52 -11.74 9.31 1.14
C ASN G 52 -10.95 8.03 0.89
N SER G 53 -9.91 7.82 1.70
CA SER G 53 -9.07 6.63 1.60
C SER G 53 -8.86 5.92 2.93
N ALA G 54 -8.92 6.63 4.06
CA ALA G 54 -8.80 6.07 5.40
C ALA G 54 -7.46 5.40 5.67
N SER G 55 -6.49 5.55 4.78
CA SER G 55 -5.17 4.98 4.97
C SER G 55 -4.05 6.03 4.95
N PHE G 56 -4.37 7.29 4.68
CA PHE G 56 -3.36 8.33 4.59
C PHE G 56 -3.11 8.92 5.97
N SER G 57 -1.85 8.94 6.40
CA SER G 57 -1.51 9.56 7.67
C SER G 57 -1.28 11.06 7.53
N THR G 58 -0.88 11.52 6.35
CA THR G 58 -0.62 12.93 6.09
C THR G 58 -1.32 13.35 4.81
N PHE G 59 -2.05 14.45 4.87
CA PHE G 59 -2.66 15.04 3.68
C PHE G 59 -2.73 16.55 3.91
N LYS G 60 -1.72 17.26 3.41
CA LYS G 60 -1.65 18.71 3.55
C LYS G 60 -1.41 19.32 2.18
N CYS G 61 -2.22 20.32 1.83
CA CYS G 61 -2.11 21.02 0.56
C CYS G 61 -1.74 22.48 0.82
N TYR G 62 -0.69 22.94 0.15
CA TYR G 62 -0.14 24.28 0.36
C TYR G 62 -0.51 25.17 -0.82
N GLY G 63 -1.14 26.30 -0.52
CA GLY G 63 -1.51 27.26 -1.54
C GLY G 63 -2.84 27.00 -2.23
N VAL G 64 -3.49 25.89 -1.93
CA VAL G 64 -4.80 25.60 -2.51
C VAL G 64 -5.50 24.62 -1.58
N SER G 65 -6.80 24.80 -1.40
CA SER G 65 -7.55 23.94 -0.51
C SER G 65 -7.61 22.52 -1.05
N PRO G 66 -7.78 21.52 -0.18
CA PRO G 66 -8.07 20.17 -0.69
C PRO G 66 -9.34 20.14 -1.51
N THR G 67 -10.35 20.92 -1.13
CA THR G 67 -11.49 21.17 -1.99
C THR G 67 -11.09 22.13 -3.10
N LYS G 68 -12.01 22.39 -4.01
CA LYS G 68 -11.81 23.25 -5.18
C LYS G 68 -10.76 22.68 -6.15
N LEU G 69 -10.24 21.49 -5.89
CA LEU G 69 -9.26 20.89 -6.80
C LEU G 69 -9.90 20.40 -8.08
N ASN G 70 -11.18 19.99 -8.01
CA ASN G 70 -11.86 19.50 -9.19
C ASN G 70 -12.43 20.61 -10.07
N ASP G 71 -12.36 21.86 -9.61
CA ASP G 71 -12.76 23.01 -10.42
C ASP G 71 -11.59 23.93 -10.75
N LEU G 72 -10.37 23.39 -10.75
CA LEU G 72 -9.17 24.14 -11.07
C LEU G 72 -8.45 23.48 -12.24
N CYS G 73 -7.92 24.32 -13.14
CA CYS G 73 -7.20 23.85 -14.31
C CYS G 73 -5.73 24.21 -14.16
N PHE G 74 -4.86 23.26 -14.53
CA PHE G 74 -3.42 23.44 -14.43
C PHE G 74 -2.77 23.04 -15.75
N THR G 75 -1.48 23.37 -15.88
CA THR G 75 -0.72 23.06 -17.09
C THR G 75 0.00 21.73 -16.97
N ASN G 76 0.85 21.56 -15.97
CA ASN G 76 1.56 20.32 -15.74
C ASN G 76 1.43 19.90 -14.27
N VAL G 77 1.41 18.60 -14.04
CA VAL G 77 1.40 18.03 -12.71
C VAL G 77 2.55 17.04 -12.61
N TYR G 78 3.40 17.21 -11.59
CA TYR G 78 4.53 16.33 -11.37
C TYR G 78 4.27 15.49 -10.12
N ALA G 79 4.60 14.21 -10.20
CA ALA G 79 4.46 13.27 -9.10
C ALA G 79 5.85 12.85 -8.65
N ASP G 80 6.19 13.14 -7.40
CA ASP G 80 7.47 12.77 -6.81
C ASP G 80 7.23 11.75 -5.71
N SER G 81 7.91 10.62 -5.78
CA SER G 81 7.69 9.51 -4.86
C SER G 81 9.01 9.00 -4.33
N PHE G 82 9.04 8.69 -3.04
CA PHE G 82 10.22 8.13 -2.38
C PHE G 82 9.77 7.53 -1.05
N VAL G 83 10.70 6.88 -0.37
CA VAL G 83 10.44 6.26 0.92
C VAL G 83 11.37 6.85 1.96
N ILE G 84 10.80 7.37 3.04
CA ILE G 84 11.54 7.91 4.18
C ILE G 84 10.89 7.41 5.46
N ARG G 85 11.52 7.72 6.58
CA ARG G 85 10.98 7.33 7.87
C ARG G 85 9.91 8.32 8.32
N GLY G 86 9.18 7.94 9.37
CA GLY G 86 8.05 8.74 9.81
C GLY G 86 8.46 10.09 10.38
N ASP G 87 9.57 10.12 11.12
CA ASP G 87 10.01 11.38 11.72
C ASP G 87 10.46 12.40 10.70
N GLU G 88 10.78 11.98 9.48
CA GLU G 88 11.25 12.88 8.43
C GLU G 88 10.15 13.35 7.49
N VAL G 89 8.91 12.92 7.72
CA VAL G 89 7.80 13.37 6.87
C VAL G 89 7.56 14.86 7.06
N ARG G 90 7.76 15.37 8.27
CA ARG G 90 7.55 16.79 8.53
C ARG G 90 8.53 17.68 7.77
N GLN G 91 9.64 17.11 7.30
CA GLN G 91 10.61 17.89 6.53
C GLN G 91 10.17 18.10 5.08
N ILE G 92 9.17 17.39 4.60
CA ILE G 92 8.66 17.58 3.24
C ILE G 92 7.61 18.68 3.35
N ALA G 93 8.09 19.92 3.40
CA ALA G 93 7.25 21.10 3.59
C ALA G 93 8.07 22.35 3.31
N PRO G 94 7.44 23.41 2.80
CA PRO G 94 8.20 24.65 2.54
C PRO G 94 8.81 25.22 3.81
N GLY G 95 10.01 25.78 3.66
CA GLY G 95 10.70 26.41 4.77
C GLY G 95 11.10 25.48 5.89
N GLN G 96 11.69 24.35 5.56
CA GLN G 96 12.15 23.37 6.53
C GLN G 96 13.63 23.08 6.31
N THR G 97 14.31 22.70 7.40
CA THR G 97 15.73 22.41 7.38
C THR G 97 15.99 21.07 8.05
N GLY G 98 17.05 20.41 7.60
CA GLY G 98 17.40 19.10 8.09
C GLY G 98 18.19 18.35 7.02
N LYS G 99 18.45 17.07 7.30
CA LYS G 99 19.22 16.27 6.35
C LYS G 99 18.46 16.06 5.05
N ILE G 100 17.20 15.63 5.14
CA ILE G 100 16.43 15.35 3.93
C ILE G 100 16.14 16.64 3.17
N ALA G 101 15.84 17.72 3.88
CA ALA G 101 15.54 18.98 3.22
C ALA G 101 16.76 19.60 2.55
N ASP G 102 17.94 19.46 3.17
CA ASP G 102 19.13 20.15 2.68
C ASP G 102 19.99 19.32 1.75
N TYR G 103 19.91 18.01 1.80
CA TYR G 103 20.80 17.15 1.02
C TYR G 103 20.10 16.16 0.11
N ASN G 104 18.79 15.95 0.26
CA ASN G 104 18.09 14.96 -0.55
C ASN G 104 16.96 15.55 -1.38
N TYR G 105 16.01 16.25 -0.77
CA TYR G 105 14.82 16.72 -1.46
C TYR G 105 14.45 18.09 -0.92
N LYS G 106 14.27 19.06 -1.82
CA LYS G 106 14.00 20.44 -1.45
C LYS G 106 12.75 20.93 -2.17
N LEU G 107 11.91 21.66 -1.44
CA LEU G 107 10.71 22.30 -1.97
C LEU G 107 10.82 23.81 -1.85
N PRO G 108 10.30 24.54 -2.83
CA PRO G 108 10.43 26.01 -2.81
C PRO G 108 9.61 26.63 -1.69
N ASP G 109 10.01 27.85 -1.31
CA ASP G 109 9.29 28.59 -0.28
C ASP G 109 7.86 28.89 -0.72
N ASP G 110 7.68 29.31 -1.97
CA ASP G 110 6.35 29.58 -2.53
C ASP G 110 5.91 28.35 -3.31
N PHE G 111 5.37 27.38 -2.58
CA PHE G 111 5.05 26.06 -3.12
C PHE G 111 3.55 25.90 -3.22
N THR G 112 3.07 25.51 -4.41
CA THR G 112 1.67 25.18 -4.64
C THR G 112 1.61 23.68 -4.93
N GLY G 113 1.11 22.91 -3.98
CA GLY G 113 1.01 21.47 -4.15
C GLY G 113 0.49 20.82 -2.89
N CYS G 114 0.48 19.48 -2.93
CA CYS G 114 0.00 18.67 -1.82
C CYS G 114 1.04 17.60 -1.48
N VAL G 115 1.04 17.19 -0.21
CA VAL G 115 1.93 16.15 0.29
C VAL G 115 1.07 15.05 0.91
N ILE G 116 1.27 13.82 0.45
CA ILE G 116 0.52 12.66 0.92
C ILE G 116 1.51 11.60 1.39
N ALA G 117 1.24 10.99 2.54
CA ALA G 117 2.09 9.95 3.08
C ALA G 117 1.25 8.90 3.78
N TRP G 118 1.69 7.65 3.69
CA TRP G 118 1.03 6.56 4.38
C TRP G 118 2.07 5.53 4.79
N ASN G 119 1.76 4.80 5.86
CA ASN G 119 2.70 3.84 6.43
C ASN G 119 2.75 2.59 5.56
N SER G 120 3.95 2.17 5.19
CA SER G 120 4.17 1.00 4.36
C SER G 120 5.04 -0.02 5.08
N ASN G 121 4.79 -0.22 6.38
CA ASN G 121 5.56 -1.16 7.17
C ASN G 121 5.39 -2.60 6.70
N ASN G 122 4.23 -2.93 6.13
CA ASN G 122 3.97 -4.29 5.69
C ASN G 122 4.48 -4.58 4.29
N LEU G 123 5.06 -3.60 3.61
CA LEU G 123 5.56 -3.77 2.24
C LEU G 123 7.06 -3.55 2.11
N ASP G 124 7.64 -2.64 2.91
CA ASP G 124 9.04 -2.26 2.75
C ASP G 124 9.90 -2.65 3.94
N SER G 125 9.40 -3.51 4.83
CA SER G 125 10.17 -3.98 5.99
C SER G 125 10.19 -5.50 5.98
N LYS G 126 11.37 -6.08 6.15
CA LYS G 126 11.53 -7.53 6.13
C LYS G 126 12.36 -7.97 7.33
N VAL G 127 12.19 -9.23 7.70
CA VAL G 127 12.87 -9.78 8.87
C VAL G 127 14.37 -9.82 8.62
N GLY G 128 15.13 -9.27 9.56
CA GLY G 128 16.57 -9.18 9.44
C GLY G 128 17.07 -7.84 8.95
N GLY G 129 16.20 -6.99 8.42
CA GLY G 129 16.59 -5.68 7.97
C GLY G 129 16.60 -5.54 6.45
N ASN G 130 15.90 -4.51 5.95
CA ASN G 130 15.90 -4.19 4.54
C ASN G 130 16.85 -3.02 4.31
N TYR G 131 17.88 -3.23 3.50
CA TYR G 131 18.93 -2.25 3.27
C TYR G 131 18.98 -1.82 1.80
N ASN G 132 17.82 -1.58 1.22
CA ASN G 132 17.73 -1.17 -0.18
C ASN G 132 17.43 0.31 -0.35
N TYR G 133 17.16 1.03 0.73
CA TYR G 133 16.87 2.46 0.68
C TYR G 133 18.04 3.23 1.29
N LEU G 134 18.50 4.25 0.56
CA LEU G 134 19.70 4.98 0.92
C LEU G 134 19.40 6.47 0.98
N TYR G 135 20.22 7.19 1.73
CA TYR G 135 20.13 8.64 1.83
C TYR G 135 21.53 9.21 1.97
N ARG G 136 21.66 10.50 1.66
CA ARG G 136 22.97 11.16 1.64
C ARG G 136 23.25 11.81 2.98
N LEU G 137 24.45 11.58 3.51
CA LEU G 137 24.85 12.16 4.79
C LEU G 137 25.57 13.49 4.60
N PHE G 138 26.68 13.48 3.86
CA PHE G 138 27.52 14.65 3.68
C PHE G 138 27.24 15.31 2.33
N ARG G 139 27.36 16.64 2.30
CA ARG G 139 27.36 17.38 1.05
C ARG G 139 28.05 18.71 1.28
N LYS G 140 28.64 19.25 0.22
CA LYS G 140 29.35 20.53 0.33
C LYS G 140 28.39 21.69 0.56
N SER G 141 27.34 21.78 -0.25
CA SER G 141 26.41 22.89 -0.20
C SER G 141 24.97 22.39 -0.19
N ASN G 142 24.07 23.23 0.30
CA ASN G 142 22.65 22.90 0.33
C ASN G 142 22.10 22.73 -1.07
N LEU G 143 21.06 21.92 -1.18
CA LEU G 143 20.43 21.66 -2.48
C LEU G 143 19.46 22.77 -2.85
N LYS G 144 19.49 23.15 -4.12
CA LYS G 144 18.50 24.07 -4.65
C LYS G 144 17.17 23.33 -4.84
N PRO G 145 16.06 24.06 -4.92
CA PRO G 145 14.77 23.39 -5.08
C PRO G 145 14.71 22.59 -6.37
N PHE G 146 14.06 21.42 -6.28
CA PHE G 146 13.86 20.52 -7.42
C PHE G 146 15.18 20.16 -8.09
N GLU G 147 16.20 19.91 -7.29
CA GLU G 147 17.51 19.49 -7.77
C GLU G 147 17.78 18.07 -7.32
N ARG G 148 18.35 17.27 -8.21
CA ARG G 148 18.61 15.86 -7.97
C ARG G 148 20.10 15.59 -8.06
N ASP G 149 20.64 14.92 -7.03
CA ASP G 149 22.05 14.58 -6.97
C ASP G 149 22.18 13.07 -6.80
N ILE G 150 23.01 12.43 -7.63
CA ILE G 150 23.18 10.99 -7.63
C ILE G 150 24.64 10.57 -7.60
N SER G 151 25.58 11.52 -7.53
CA SER G 151 26.99 11.17 -7.56
C SER G 151 27.39 10.42 -6.31
N THR G 152 28.38 9.53 -6.46
CA THR G 152 28.88 8.71 -5.36
C THR G 152 30.37 8.92 -5.10
N GLU G 153 30.89 10.10 -5.41
CA GLU G 153 32.30 10.38 -5.16
C GLU G 153 32.57 10.46 -3.66
N ILE G 154 33.77 10.04 -3.27
CA ILE G 154 34.12 9.99 -1.85
C ILE G 154 34.21 11.41 -1.29
N TYR G 155 33.52 11.64 -0.19
CA TYR G 155 33.51 12.96 0.43
C TYR G 155 34.78 13.18 1.22
N GLN G 156 35.40 14.34 1.04
CA GLN G 156 36.66 14.68 1.68
C GLN G 156 36.41 15.67 2.81
N ALA G 157 36.86 15.33 4.01
CA ALA G 157 36.71 16.18 5.18
C ALA G 157 38.05 16.65 5.74
N GLY G 158 39.13 16.51 4.99
CA GLY G 158 40.45 16.91 5.45
C GLY G 158 41.27 17.45 4.31
N SER G 159 42.51 17.84 4.64
CA SER G 159 43.40 18.40 3.63
C SER G 159 43.97 17.32 2.72
N THR G 160 44.19 16.11 3.24
CA THR G 160 44.77 15.04 2.45
C THR G 160 43.78 14.58 1.39
N PRO G 161 44.18 14.51 0.12
CA PRO G 161 43.26 14.00 -0.91
C PRO G 161 42.91 12.54 -0.66
N CYS G 162 41.69 12.17 -1.02
CA CYS G 162 41.21 10.82 -0.73
C CYS G 162 41.69 9.83 -1.77
N ASN G 163 41.58 10.18 -3.05
CA ASN G 163 42.02 9.32 -4.16
C ASN G 163 41.30 7.97 -4.16
N GLY G 164 40.08 7.94 -3.63
CA GLY G 164 39.29 6.73 -3.62
C GLY G 164 39.61 5.74 -2.54
N VAL G 165 40.59 6.01 -1.68
CA VAL G 165 40.94 5.11 -0.59
C VAL G 165 40.14 5.58 0.63
N GLU G 166 39.08 4.85 0.94
CA GLU G 166 38.23 5.21 2.07
C GLU G 166 38.99 5.07 3.38
N GLY G 167 38.79 6.03 4.27
CA GLY G 167 39.47 6.00 5.55
C GLY G 167 38.99 7.14 6.42
N PHE G 168 39.82 7.50 7.40
CA PHE G 168 39.51 8.64 8.24
C PHE G 168 39.58 9.92 7.42
N ASN G 169 38.58 10.78 7.59
CA ASN G 169 38.36 12.01 6.84
C ASN G 169 38.10 11.77 5.36
N CYS G 170 37.72 10.56 4.96
CA CYS G 170 37.32 10.25 3.59
C CYS G 170 36.19 9.23 3.66
N TYR G 171 34.96 9.70 3.46
CA TYR G 171 33.77 8.93 3.75
C TYR G 171 32.91 8.74 2.51
N PHE G 172 32.17 7.64 2.49
CA PHE G 172 31.17 7.39 1.45
C PHE G 172 29.89 8.16 1.79
N PRO G 173 29.35 8.95 0.86
CA PRO G 173 28.28 9.89 1.22
C PRO G 173 26.89 9.27 1.35
N LEU G 174 26.74 7.95 1.27
CA LEU G 174 25.44 7.32 1.33
C LEU G 174 25.36 6.34 2.50
N GLN G 175 24.17 6.24 3.09
CA GLN G 175 23.92 5.39 4.24
C GLN G 175 22.57 4.71 4.07
N SER G 176 22.45 3.51 4.62
CA SER G 176 21.25 2.69 4.47
C SER G 176 20.30 2.89 5.64
N TYR G 177 18.99 2.79 5.36
CA TYR G 177 17.98 3.00 6.37
C TYR G 177 17.93 1.84 7.37
N GLY G 178 17.91 0.61 6.86
CA GLY G 178 17.83 -0.54 7.73
C GLY G 178 16.48 -0.68 8.41
N PHE G 179 15.44 -0.99 7.64
CA PHE G 179 14.08 -1.05 8.14
C PHE G 179 13.82 -2.40 8.81
N GLN G 180 13.28 -2.36 10.03
CA GLN G 180 12.90 -3.52 10.81
C GLN G 180 11.43 -3.45 11.18
N PRO G 181 10.74 -4.58 11.32
CA PRO G 181 9.31 -4.54 11.61
C PRO G 181 8.98 -4.23 13.06
N THR G 182 9.96 -4.24 13.96
CA THR G 182 9.71 -4.02 15.38
C THR G 182 10.05 -2.61 15.84
N ASN G 183 10.37 -1.71 14.92
CA ASN G 183 10.69 -0.34 15.31
C ASN G 183 9.40 0.44 15.58
N GLY G 184 9.57 1.66 16.07
CA GLY G 184 8.44 2.54 16.30
C GLY G 184 7.92 3.14 15.01
N VAL G 185 6.75 3.78 15.13
CA VAL G 185 6.11 4.38 13.96
C VAL G 185 6.98 5.47 13.37
N GLY G 186 7.80 6.12 14.19
CA GLY G 186 8.71 7.13 13.69
C GLY G 186 9.78 6.55 12.78
N TYR G 187 10.25 5.35 13.10
CA TYR G 187 11.29 4.69 12.33
C TYR G 187 10.75 3.78 11.24
N GLN G 188 9.44 3.56 11.19
CA GLN G 188 8.85 2.72 10.16
C GLN G 188 8.83 3.46 8.83
N PRO G 189 8.95 2.74 7.72
CA PRO G 189 8.98 3.40 6.41
C PRO G 189 7.64 4.05 6.07
N TYR G 190 7.71 5.15 5.33
CA TYR G 190 6.53 5.85 4.84
C TYR G 190 6.73 6.16 3.36
N ARG G 191 5.72 5.83 2.56
CA ARG G 191 5.75 6.17 1.14
C ARG G 191 5.13 7.54 0.96
N VAL G 192 5.92 8.47 0.44
CA VAL G 192 5.54 9.87 0.32
C VAL G 192 5.37 10.20 -1.15
N VAL G 193 4.23 10.81 -1.49
CA VAL G 193 3.96 11.29 -2.84
C VAL G 193 3.74 12.79 -2.77
N VAL G 194 4.51 13.53 -3.56
CA VAL G 194 4.44 14.99 -3.58
C VAL G 194 3.98 15.40 -4.98
N LEU G 195 2.90 16.17 -5.04
CA LEU G 195 2.37 16.67 -6.31
C LEU G 195 2.62 18.16 -6.39
N SER G 196 3.21 18.60 -7.50
CA SER G 196 3.52 20.00 -7.73
C SER G 196 2.75 20.49 -8.94
N PHE G 197 1.96 21.54 -8.76
CA PHE G 197 1.15 22.11 -9.83
C PHE G 197 1.77 23.43 -10.28
N GLU G 198 2.09 23.52 -11.57
CA GLU G 198 2.66 24.73 -12.15
C GLU G 198 1.69 25.28 -13.19
N LEU G 199 1.42 26.58 -13.11
CA LEU G 199 0.52 27.27 -14.03
C LEU G 199 1.31 28.32 -14.79
N LEU G 200 1.32 28.23 -16.11
CA LEU G 200 2.08 29.16 -16.95
C LEU G 200 1.20 29.74 -18.04
N HIS G 201 1.81 30.46 -18.99
CA HIS G 201 1.07 31.06 -20.08
C HIS G 201 0.52 30.03 -21.06
N ALA G 202 0.98 28.80 -20.99
CA ALA G 202 0.49 27.76 -21.89
C ALA G 202 -0.96 27.42 -21.54
N PRO G 203 -1.75 26.98 -22.53
CA PRO G 203 -3.14 26.60 -22.25
C PRO G 203 -3.21 25.44 -21.28
N ALA G 204 -4.28 25.42 -20.49
CA ALA G 204 -4.46 24.37 -19.48
C ALA G 204 -4.65 23.02 -20.15
N THR G 205 -4.00 21.99 -19.60
CA THR G 205 -4.10 20.63 -20.10
C THR G 205 -4.71 19.65 -19.11
N VAL G 206 -4.66 19.95 -17.82
CA VAL G 206 -5.21 19.09 -16.78
C VAL G 206 -6.26 19.90 -16.04
N CYS G 207 -7.54 19.59 -16.26
CA CYS G 207 -8.63 20.26 -15.58
C CYS G 207 -9.42 19.33 -14.66
N GLY G 208 -9.90 18.21 -15.18
CA GLY G 208 -10.62 17.24 -14.38
C GLY G 208 -11.92 17.79 -13.82
N PRO G 209 -12.91 18.04 -14.69
CA PRO G 209 -14.20 18.56 -14.22
C PRO G 209 -14.99 17.55 -13.41
C1 NAG H . -5.16 1.76 -5.27
C2 NAG H . -6.07 2.94 -5.57
C3 NAG H . -7.25 2.95 -4.61
C4 NAG H . -7.97 1.61 -4.61
C5 NAG H . -6.99 0.47 -4.38
C6 NAG H . -7.62 -0.89 -4.54
C7 NAG H . -5.51 5.17 -6.40
C8 NAG H . -4.69 6.40 -6.19
N2 NAG H . -5.34 4.20 -5.51
O3 NAG H . -8.15 3.99 -4.98
O4 NAG H . -8.94 1.60 -3.57
O5 NAG H . -5.91 0.55 -5.32
O6 NAG H . -6.94 -1.67 -5.53
O7 NAG H . -6.28 5.06 -7.35
C1 NAG H . -10.28 1.38 -4.06
C2 NAG H . -11.16 1.04 -2.87
C3 NAG H . -12.60 0.82 -3.33
C4 NAG H . -13.10 2.02 -4.11
C5 NAG H . -12.13 2.34 -5.25
C6 NAG H . -12.48 3.61 -5.99
C7 NAG H . -9.84 -0.06 -1.12
C8 NAG H . -9.42 -1.37 -0.52
N2 NAG H . -10.67 -0.13 -2.16
O3 NAG H . -13.42 0.60 -2.18
O4 NAG H . -14.38 1.75 -4.66
O5 NAG H . -10.80 2.52 -4.74
O6 NAG H . -12.43 4.74 -5.13
O7 NAG H . -9.43 1.01 -0.69
C1 BMA H . -15.40 2.37 -3.84
C2 BMA H . -16.27 3.27 -4.74
C3 BMA H . -17.44 3.83 -3.92
C4 BMA H . -18.18 2.71 -3.20
C5 BMA H . -17.21 1.89 -2.34
C6 BMA H . -17.87 0.72 -1.64
O2 BMA H . -16.84 2.52 -5.80
O3 BMA H . -18.34 4.57 -4.73
O4 BMA H . -19.19 3.26 -2.36
O5 BMA H . -16.19 1.37 -3.20
O6 BMA H . -16.94 0.16 -0.71
C1 FUC H . -7.74 -1.73 -6.73
C2 FUC H . -7.27 -2.93 -7.57
C3 FUC H . -8.44 -3.66 -8.22
C4 FUC H . -9.49 -2.67 -8.71
C5 FUC H . -10.03 -1.87 -7.52
C6 FUC H . -10.35 -0.41 -7.87
O2 FUC H . -6.47 -3.84 -6.81
O3 FUC H . -7.99 -4.41 -9.35
O4 FUC H . -8.91 -1.79 -9.68
O5 FUC H . -9.11 -1.83 -6.41
#